data_5ZVH
#
_entry.id   5ZVH
#
_cell.length_a   52.471
_cell.length_b   52.941
_cell.length_c   84.185
_cell.angle_alpha   81.490
_cell.angle_beta   81.380
_cell.angle_gamma   67.450
#
_symmetry.space_group_name_H-M   'P 1'
#
loop_
_entity.id
_entity.type
_entity.pdbx_description
1 polymer '389aa long hypothetical nucleolar protein'
2 non-polymer SINEFUNGIN
3 water water
#
_entity_poly.entity_id   1
_entity_poly.type   'polypeptide(L)'
_entity_poly.pdbx_seq_one_letter_code
;YLEAFPKELREYYKNLFGKEEANKIMKKLREPVEHYYIRVNTLKISREKLIGELKKEGLKPLRSPYLPEGLYFVREGPNF
SDDFEPKLPVVVANKYAAESVYQGAMLYAPGVLKADKNIKEGDEVQIRDPKGLLVGIGIARMDYKEMTEATRGLAVEVTL
PKFKLPSLSELKAFEKGYFYPQGLPSMVTARVLEPKEDDVIIDMAAAPGGKTTHIAQLLENKGEIIAIDKSKNRLRKMEE
NIKRLGVKNVKLVQMDARKLPDLGIKADKILLDAPCTALGVRPKLWEERTLKHIEATARYQRAFIWAAIKSLRRGGVLVY
STCTLSYEENEGNVKFMIRKGMKLEEQSIFIGSPGIGMNKVQRFYPHKHLTQGFFIAKLRKVKD
;
_entity_poly.pdbx_strand_id   B,A
#
loop_
_chem_comp.id
_chem_comp.type
_chem_comp.name
_chem_comp.formula
SFG non-polymer SINEFUNGIN 'C15 H23 N7 O5'
#
# COMPACT_ATOMS: atom_id res chain seq x y z
N TYR A 1 -16.82 18.33 -37.71
CA TYR A 1 -16.08 18.27 -36.46
C TYR A 1 -14.89 19.22 -36.45
N LEU A 2 -14.37 19.56 -37.64
CA LEU A 2 -13.22 20.43 -37.77
C LEU A 2 -13.43 21.80 -37.11
N GLU A 3 -14.68 22.23 -37.05
CA GLU A 3 -15.03 23.52 -36.48
C GLU A 3 -14.65 23.63 -35.00
N ALA A 4 -14.53 22.50 -34.34
CA ALA A 4 -14.15 22.45 -32.93
C ALA A 4 -12.70 22.88 -32.69
N PHE A 5 -11.92 22.97 -33.77
CA PHE A 5 -10.51 23.28 -33.66
C PHE A 5 -10.17 24.53 -34.45
N PRO A 6 -9.51 25.50 -33.82
CA PRO A 6 -9.14 26.74 -34.49
C PRO A 6 -8.29 26.47 -35.74
N LYS A 7 -8.35 27.36 -36.72
CA LYS A 7 -7.76 27.12 -38.03
C LYS A 7 -6.24 26.91 -37.98
N GLU A 8 -5.56 27.71 -37.17
CA GLU A 8 -4.10 27.62 -37.10
C GLU A 8 -3.66 26.34 -36.38
N LEU A 9 -4.48 25.85 -35.44
CA LEU A 9 -4.19 24.58 -34.79
C LEU A 9 -4.39 23.43 -35.77
N ARG A 10 -5.40 23.56 -36.63
CA ARG A 10 -5.68 22.55 -37.64
C ARG A 10 -4.53 22.43 -38.63
N GLU A 11 -4.02 23.58 -39.07
CA GLU A 11 -2.85 23.61 -39.95
C GLU A 11 -1.67 22.96 -39.27
N TYR A 12 -1.51 23.24 -37.98
CA TYR A 12 -0.46 22.66 -37.16
C TYR A 12 -0.55 21.12 -37.14
N TYR A 13 -1.75 20.61 -36.88
CA TYR A 13 -1.96 19.16 -36.88
C TYR A 13 -1.64 18.53 -38.23
N LYS A 14 -2.18 19.12 -39.30
CA LYS A 14 -1.91 18.67 -40.66
C LYS A 14 -0.41 18.64 -40.94
N ASN A 15 0.28 19.69 -40.50
CA ASN A 15 1.72 19.76 -40.67
C ASN A 15 2.45 18.67 -39.88
N LEU A 16 1.98 18.40 -38.66
CA LEU A 16 2.69 17.51 -37.76
C LEU A 16 2.32 16.03 -37.93
N PHE A 17 1.12 15.75 -38.42
CA PHE A 17 0.68 14.35 -38.54
C PHE A 17 0.37 13.94 -39.98
N GLY A 18 0.17 14.93 -40.85
CA GLY A 18 -0.34 14.65 -42.17
C GLY A 18 -1.85 14.87 -42.19
N LYS A 19 -2.37 15.36 -43.30
CA LYS A 19 -3.76 15.76 -43.42
C LYS A 19 -4.71 14.67 -43.00
N GLU A 20 -4.48 13.46 -43.51
CA GLU A 20 -5.37 12.34 -43.24
C GLU A 20 -5.40 11.96 -41.78
N GLU A 21 -4.23 11.70 -41.19
CA GLU A 21 -4.17 11.34 -39.78
C GLU A 21 -4.68 12.45 -38.87
N ALA A 22 -4.32 13.69 -39.19
CA ALA A 22 -4.77 14.85 -38.42
C ALA A 22 -6.30 14.89 -38.36
N ASN A 23 -6.94 14.57 -39.48
CA ASN A 23 -8.39 14.58 -39.56
C ASN A 23 -9.02 13.46 -38.76
N LYS A 24 -8.35 12.32 -38.73
CA LYS A 24 -8.81 11.18 -37.95
C LYS A 24 -8.67 11.45 -36.46
N ILE A 25 -7.63 12.17 -36.10
CA ILE A 25 -7.38 12.49 -34.70
C ILE A 25 -8.43 13.46 -34.18
N MET A 26 -8.65 14.54 -34.92
CA MET A 26 -9.60 15.58 -34.52
C MET A 26 -11.02 15.05 -34.44
N LYS A 27 -11.39 14.21 -35.41
CA LYS A 27 -12.71 13.59 -35.41
C LYS A 27 -12.92 12.75 -34.15
N LYS A 28 -11.92 11.95 -33.80
CA LYS A 28 -12.05 11.10 -32.63
C LYS A 28 -11.98 11.93 -31.35
N LEU A 29 -11.16 12.99 -31.37
CA LEU A 29 -11.02 13.88 -30.23
C LEU A 29 -12.35 14.50 -29.79
N ARG A 30 -13.26 14.66 -30.73
CA ARG A 30 -14.56 15.25 -30.43
C ARG A 30 -15.47 14.26 -29.71
N GLU A 31 -15.05 13.00 -29.69
CA GLU A 31 -15.85 11.97 -29.04
C GLU A 31 -15.20 11.52 -27.75
N PRO A 32 -16.02 11.06 -26.79
CA PRO A 32 -15.50 10.47 -25.56
C PRO A 32 -14.74 9.18 -25.86
N VAL A 33 -13.87 8.75 -24.95
CA VAL A 33 -13.09 7.54 -25.18
C VAL A 33 -14.01 6.36 -25.43
N GLU A 34 -13.60 5.49 -26.35
CA GLU A 34 -14.39 4.33 -26.71
C GLU A 34 -14.29 3.29 -25.61
N HIS A 35 -13.12 3.25 -24.96
CA HIS A 35 -12.88 2.37 -23.84
C HIS A 35 -12.61 3.21 -22.59
N TYR A 36 -13.55 3.17 -21.65
CA TYR A 36 -13.47 3.97 -20.44
C TYR A 36 -12.82 3.17 -19.32
N TYR A 37 -11.59 3.51 -18.96
CA TYR A 37 -10.80 2.69 -18.04
C TYR A 37 -10.90 3.13 -16.58
N ILE A 38 -10.80 2.16 -15.68
CA ILE A 38 -10.65 2.42 -14.24
C ILE A 38 -9.50 1.58 -13.71
N ARG A 39 -8.91 2.02 -12.62
CA ARG A 39 -7.84 1.25 -11.99
C ARG A 39 -8.36 0.46 -10.80
N VAL A 40 -8.14 -0.85 -10.81
CA VAL A 40 -8.43 -1.67 -9.65
C VAL A 40 -7.50 -1.32 -8.50
N ASN A 41 -8.07 -0.92 -7.37
CA ASN A 41 -7.26 -0.61 -6.20
C ASN A 41 -6.85 -1.91 -5.51
N THR A 42 -5.72 -2.46 -5.93
CA THR A 42 -5.25 -3.73 -5.38
C THR A 42 -4.86 -3.63 -3.89
N LEU A 43 -4.91 -2.43 -3.33
CA LEU A 43 -4.68 -2.26 -1.90
C LEU A 43 -5.85 -2.81 -1.09
N LYS A 44 -7.02 -2.82 -1.70
CA LYS A 44 -8.26 -3.19 -0.99
C LYS A 44 -8.94 -4.41 -1.58
N ILE A 45 -8.68 -4.69 -2.86
CA ILE A 45 -9.45 -5.70 -3.57
C ILE A 45 -8.70 -6.21 -4.80
N SER A 46 -9.03 -7.42 -5.24
CA SER A 46 -8.46 -7.95 -6.47
C SER A 46 -9.34 -7.58 -7.68
N ARG A 47 -8.80 -7.77 -8.88
CA ARG A 47 -9.52 -7.47 -10.11
C ARG A 47 -10.81 -8.29 -10.24
N GLU A 48 -10.69 -9.61 -10.04
CA GLU A 48 -11.85 -10.48 -10.22
C GLU A 48 -12.94 -10.23 -9.19
N LYS A 49 -12.55 -9.94 -7.95
CA LYS A 49 -13.53 -9.62 -6.92
C LYS A 49 -14.32 -8.38 -7.29
N LEU A 50 -13.61 -7.33 -7.71
CA LEU A 50 -14.24 -6.08 -8.12
C LEU A 50 -15.18 -6.28 -9.30
N ILE A 51 -14.73 -7.07 -10.27
CA ILE A 51 -15.57 -7.44 -11.41
C ILE A 51 -16.92 -8.01 -10.96
N GLY A 52 -16.89 -8.98 -10.06
CA GLY A 52 -18.09 -9.50 -9.45
C GLY A 52 -18.97 -8.43 -8.84
N GLU A 53 -18.35 -7.46 -8.16
CA GLU A 53 -19.06 -6.37 -7.49
C GLU A 53 -19.71 -5.43 -8.50
N LEU A 54 -19.04 -5.20 -9.64
CA LEU A 54 -19.54 -4.31 -10.68
C LEU A 54 -20.66 -4.97 -11.48
N LYS A 55 -20.58 -6.29 -11.63
CA LYS A 55 -21.61 -7.02 -12.33
C LYS A 55 -22.92 -7.00 -11.55
N LYS A 56 -22.80 -7.01 -10.23
CA LYS A 56 -23.96 -6.83 -9.33
C LYS A 56 -24.74 -5.56 -9.64
N GLU A 57 -24.01 -4.50 -10.00
CA GLU A 57 -24.62 -3.21 -10.30
C GLU A 57 -25.08 -3.10 -11.75
N GLY A 58 -25.01 -4.21 -12.48
CA GLY A 58 -25.44 -4.24 -13.87
C GLY A 58 -24.43 -3.69 -14.87
N LEU A 59 -23.20 -3.50 -14.42
CA LEU A 59 -22.15 -2.98 -15.29
C LEU A 59 -21.39 -4.12 -15.96
N LYS A 60 -20.79 -3.83 -17.11
CA LYS A 60 -20.11 -4.86 -17.89
C LYS A 60 -18.62 -4.59 -18.07
N PRO A 61 -17.84 -4.72 -16.98
CA PRO A 61 -16.40 -4.46 -17.06
C PRO A 61 -15.65 -5.50 -17.90
N LEU A 62 -14.65 -5.04 -18.62
CA LEU A 62 -13.81 -5.94 -19.40
C LEU A 62 -12.37 -5.86 -18.92
N ARG A 63 -11.66 -6.97 -19.04
CA ARG A 63 -10.30 -7.06 -18.52
C ARG A 63 -9.27 -6.59 -19.54
N SER A 64 -8.23 -5.92 -19.07
CA SER A 64 -7.11 -5.58 -19.93
C SER A 64 -6.09 -6.71 -19.88
N PRO A 65 -5.64 -7.17 -21.06
CA PRO A 65 -4.63 -8.23 -21.11
C PRO A 65 -3.22 -7.70 -20.89
N TYR A 66 -3.10 -6.38 -20.76
CA TYR A 66 -1.81 -5.74 -20.55
C TYR A 66 -1.63 -5.23 -19.13
N LEU A 67 -2.72 -4.76 -18.54
CA LEU A 67 -2.69 -4.25 -17.18
C LEU A 67 -3.58 -5.08 -16.27
N PRO A 68 -2.98 -5.95 -15.46
CA PRO A 68 -3.75 -6.77 -14.52
C PRO A 68 -4.59 -5.92 -13.56
N GLU A 69 -4.28 -4.64 -13.44
CA GLU A 69 -5.09 -3.74 -12.62
C GLU A 69 -6.05 -2.93 -13.49
N GLY A 70 -6.13 -3.27 -14.76
CA GLY A 70 -6.98 -2.53 -15.69
C GLY A 70 -8.33 -3.16 -15.97
N LEU A 71 -9.38 -2.34 -15.86
CA LEU A 71 -10.71 -2.70 -16.32
C LEU A 71 -11.27 -1.56 -17.16
N TYR A 72 -12.07 -1.88 -18.16
CA TYR A 72 -12.66 -0.83 -18.99
C TYR A 72 -14.12 -1.14 -19.38
N PHE A 73 -14.86 -0.09 -19.69
CA PHE A 73 -16.24 -0.20 -20.13
C PHE A 73 -16.36 0.25 -21.59
N VAL A 74 -17.17 -0.42 -22.38
CA VAL A 74 -17.34 -0.01 -23.77
C VAL A 74 -18.36 1.13 -23.89
N ARG A 75 -17.95 2.19 -24.57
CA ARG A 75 -18.78 3.39 -24.73
C ARG A 75 -19.97 3.11 -25.66
N GLU A 76 -21.09 3.74 -25.37
CA GLU A 76 -22.27 3.62 -26.23
C GLU A 76 -22.44 4.89 -27.06
N GLY A 77 -22.82 4.72 -28.32
CA GLY A 77 -23.06 5.85 -29.21
C GLY A 77 -22.21 5.85 -30.47
N PRO A 78 -22.43 6.85 -31.34
CA PRO A 78 -23.35 7.97 -31.14
C PRO A 78 -24.81 7.57 -31.31
N ASN A 79 -25.67 8.16 -30.48
CA ASN A 79 -27.08 7.81 -30.48
C ASN A 79 -27.90 8.59 -31.48
N PHE A 80 -27.30 9.63 -32.06
CA PHE A 80 -27.94 10.31 -33.17
C PHE A 80 -26.91 10.92 -34.11
N SER A 81 -27.34 11.18 -35.33
CA SER A 81 -26.44 11.67 -36.37
C SER A 81 -25.93 13.06 -36.01
N ASP A 82 -24.82 13.45 -36.64
CA ASP A 82 -24.20 14.73 -36.35
C ASP A 82 -25.03 15.88 -36.91
N ASP A 83 -25.90 15.59 -37.87
CA ASP A 83 -26.75 16.59 -38.51
C ASP A 83 -28.20 16.55 -38.02
N PHE A 84 -28.51 15.66 -37.09
CA PHE A 84 -29.86 15.47 -36.57
C PHE A 84 -30.48 16.77 -36.07
N GLU A 85 -31.66 17.10 -36.58
CA GLU A 85 -32.37 18.32 -36.18
C GLU A 85 -33.72 17.97 -35.56
N PRO A 86 -33.72 17.65 -34.26
CA PRO A 86 -34.96 17.27 -33.58
C PRO A 86 -35.95 18.43 -33.57
N LYS A 87 -37.24 18.13 -33.73
CA LYS A 87 -38.25 19.18 -33.69
C LYS A 87 -38.72 19.36 -32.25
N LEU A 88 -37.87 20.01 -31.46
CA LEU A 88 -38.03 20.03 -30.02
C LEU A 88 -37.64 21.39 -29.45
N PRO A 89 -38.28 21.81 -28.36
CA PRO A 89 -37.83 23.03 -27.68
C PRO A 89 -36.40 22.88 -27.13
N VAL A 90 -35.62 23.97 -27.15
CA VAL A 90 -34.20 23.89 -26.79
C VAL A 90 -33.93 24.29 -25.34
N VAL A 91 -33.16 23.46 -24.64
CA VAL A 91 -32.53 23.85 -23.38
C VAL A 91 -31.04 24.07 -23.62
N VAL A 92 -30.54 25.22 -23.22
CA VAL A 92 -29.13 25.52 -23.37
C VAL A 92 -28.41 25.27 -22.05
N ALA A 93 -27.50 24.31 -22.08
CA ALA A 93 -26.66 23.98 -20.92
C ALA A 93 -25.39 24.80 -20.98
N ASN A 94 -24.83 25.16 -19.83
CA ASN A 94 -23.55 25.85 -19.83
C ASN A 94 -22.45 24.90 -20.30
N LYS A 95 -21.26 25.44 -20.54
CA LYS A 95 -20.14 24.70 -21.13
C LYS A 95 -19.80 23.40 -20.41
N TYR A 96 -19.87 23.40 -19.08
CA TYR A 96 -19.47 22.24 -18.31
C TYR A 96 -20.56 21.18 -18.27
N ALA A 97 -21.80 21.61 -18.06
CA ALA A 97 -22.92 20.69 -17.99
C ALA A 97 -23.11 19.98 -19.33
N ALA A 98 -22.90 20.73 -20.40
CA ALA A 98 -23.07 20.20 -21.75
C ALA A 98 -22.13 19.01 -22.02
N GLU A 99 -20.90 19.11 -21.54
CA GLU A 99 -19.90 18.06 -21.76
C GLU A 99 -20.26 16.77 -21.02
N SER A 100 -20.82 16.91 -19.82
CA SER A 100 -21.18 15.75 -19.02
C SER A 100 -22.45 15.10 -19.58
N VAL A 101 -23.40 15.91 -20.01
CA VAL A 101 -24.60 15.43 -20.71
C VAL A 101 -24.21 14.68 -21.99
N TYR A 102 -23.22 15.23 -22.68
CA TYR A 102 -22.64 14.64 -23.88
C TYR A 102 -22.20 13.19 -23.65
N GLN A 103 -21.92 12.85 -22.39
CA GLN A 103 -21.45 11.52 -22.05
C GLN A 103 -22.44 10.72 -21.20
N GLY A 104 -23.64 11.26 -20.99
CA GLY A 104 -24.70 10.53 -20.32
C GLY A 104 -25.19 11.07 -19.00
N ALA A 105 -24.55 12.13 -18.49
CA ALA A 105 -25.02 12.76 -17.26
C ALA A 105 -26.40 13.36 -17.45
N MET A 106 -27.18 13.40 -16.37
CA MET A 106 -28.42 14.17 -16.35
C MET A 106 -28.10 15.66 -16.32
N LEU A 107 -29.08 16.49 -16.70
CA LEU A 107 -28.91 17.93 -16.64
C LEU A 107 -29.57 18.49 -15.37
N TYR A 108 -28.77 19.08 -14.51
CA TYR A 108 -29.29 19.66 -13.27
C TYR A 108 -29.45 21.16 -13.44
N ALA A 109 -30.32 21.75 -12.63
CA ALA A 109 -30.70 23.16 -12.80
C ALA A 109 -29.51 24.12 -12.85
N PRO A 110 -28.55 24.00 -11.92
CA PRO A 110 -27.41 24.93 -12.05
C PRO A 110 -26.68 24.81 -13.39
N GLY A 111 -26.88 23.70 -14.10
CA GLY A 111 -26.21 23.53 -15.37
C GLY A 111 -26.95 24.17 -16.54
N VAL A 112 -28.11 24.75 -16.23
CA VAL A 112 -28.95 25.32 -17.28
C VAL A 112 -28.63 26.80 -17.49
N LEU A 113 -28.25 27.13 -18.71
CA LEU A 113 -27.90 28.50 -19.07
C LEU A 113 -29.15 29.32 -19.41
N LYS A 114 -29.98 28.77 -20.29
CA LYS A 114 -31.26 29.37 -20.64
C LYS A 114 -32.11 28.32 -21.37
N ALA A 115 -33.38 28.61 -21.63
CA ALA A 115 -34.26 27.62 -22.22
C ALA A 115 -35.45 28.23 -22.96
N ASP A 116 -36.13 27.38 -23.73
CA ASP A 116 -37.36 27.75 -24.41
C ASP A 116 -38.46 27.90 -23.35
N LYS A 117 -39.21 28.99 -23.41
CA LYS A 117 -40.19 29.34 -22.38
C LYS A 117 -41.46 28.48 -22.37
N ASN A 118 -41.66 27.71 -23.44
CA ASN A 118 -42.83 26.83 -23.55
C ASN A 118 -42.66 25.51 -22.82
N ILE A 119 -41.48 25.28 -22.26
CA ILE A 119 -41.14 23.98 -21.70
C ILE A 119 -41.84 23.74 -20.36
N LYS A 120 -42.58 22.65 -20.29
CA LYS A 120 -43.22 22.23 -19.06
C LYS A 120 -42.73 20.83 -18.73
N GLU A 121 -42.81 20.48 -17.45
CA GLU A 121 -42.42 19.14 -17.01
C GLU A 121 -43.08 18.07 -17.87
N GLY A 122 -42.32 17.03 -18.22
CA GLY A 122 -42.82 15.99 -19.08
C GLY A 122 -42.60 16.21 -20.57
N ASP A 123 -42.26 17.43 -20.96
CA ASP A 123 -41.97 17.73 -22.36
C ASP A 123 -40.67 17.11 -22.81
N GLU A 124 -40.64 16.65 -24.05
CA GLU A 124 -39.39 16.19 -24.65
C GLU A 124 -38.59 17.40 -25.14
N VAL A 125 -37.32 17.48 -24.76
CA VAL A 125 -36.49 18.62 -25.12
C VAL A 125 -35.15 18.19 -25.66
N GLN A 126 -34.52 19.07 -26.43
CA GLN A 126 -33.17 18.85 -26.90
C GLN A 126 -32.21 19.75 -26.14
N ILE A 127 -31.01 19.24 -25.88
CA ILE A 127 -30.03 19.98 -25.10
C ILE A 127 -28.86 20.42 -25.96
N ARG A 128 -28.60 21.72 -25.97
CA ARG A 128 -27.47 22.25 -26.72
C ARG A 128 -26.50 23.01 -25.81
N ASP A 129 -25.22 23.03 -26.20
CA ASP A 129 -24.23 23.81 -25.48
C ASP A 129 -24.34 25.27 -25.91
N PRO A 130 -23.58 26.19 -25.28
CA PRO A 130 -23.78 27.59 -25.64
C PRO A 130 -23.48 27.94 -27.11
N LYS A 131 -22.87 27.03 -27.86
CA LYS A 131 -22.56 27.28 -29.26
C LYS A 131 -23.46 26.50 -30.23
N GLY A 132 -24.52 25.90 -29.71
CA GLY A 132 -25.50 25.21 -30.54
C GLY A 132 -25.20 23.76 -30.80
N LEU A 133 -24.15 23.24 -30.16
CA LEU A 133 -23.82 21.82 -30.31
C LEU A 133 -24.88 20.97 -29.62
N LEU A 134 -25.49 20.07 -30.38
CA LEU A 134 -26.48 19.15 -29.82
C LEU A 134 -25.77 18.03 -29.06
N VAL A 135 -25.99 17.95 -27.75
CA VAL A 135 -25.26 17.02 -26.92
C VAL A 135 -26.17 15.94 -26.33
N GLY A 136 -27.48 16.13 -26.42
CA GLY A 136 -28.41 15.16 -25.87
C GLY A 136 -29.88 15.54 -26.01
N ILE A 137 -30.74 14.54 -25.82
CA ILE A 137 -32.19 14.73 -25.87
C ILE A 137 -32.76 14.05 -24.64
N GLY A 138 -33.84 14.60 -24.09
CA GLY A 138 -34.42 14.05 -22.87
C GLY A 138 -35.79 14.59 -22.53
N ILE A 139 -36.19 14.40 -21.27
CA ILE A 139 -37.52 14.79 -20.80
C ILE A 139 -37.36 15.79 -19.66
N ALA A 140 -38.00 16.96 -19.81
CA ALA A 140 -37.93 17.99 -18.79
C ALA A 140 -38.61 17.52 -17.50
N ARG A 141 -37.93 17.70 -16.37
CA ARG A 141 -38.50 17.38 -15.07
C ARG A 141 -38.82 18.65 -14.29
N MET A 142 -38.65 19.79 -14.95
CA MET A 142 -39.06 21.08 -14.42
C MET A 142 -39.74 21.89 -15.50
N ASP A 143 -40.61 22.81 -15.09
CA ASP A 143 -41.15 23.80 -16.02
C ASP A 143 -40.03 24.78 -16.35
N TYR A 144 -40.23 25.58 -17.39
CA TYR A 144 -39.25 26.61 -17.76
C TYR A 144 -38.83 27.47 -16.58
N LYS A 145 -39.81 27.96 -15.83
CA LYS A 145 -39.58 28.88 -14.72
C LYS A 145 -38.66 28.29 -13.66
N GLU A 146 -38.96 27.08 -13.20
CA GLU A 146 -38.17 26.45 -12.14
C GLU A 146 -36.78 26.13 -12.65
N MET A 147 -36.72 25.74 -13.92
CA MET A 147 -35.47 25.40 -14.58
C MET A 147 -34.44 26.55 -14.56
N THR A 148 -34.93 27.76 -14.81
CA THR A 148 -34.06 28.93 -14.87
C THR A 148 -33.85 29.58 -13.51
N GLU A 149 -34.48 29.05 -12.47
CA GLU A 149 -34.39 29.67 -11.14
C GLU A 149 -33.83 28.75 -10.06
N ALA A 150 -34.15 27.45 -10.13
CA ALA A 150 -33.73 26.49 -9.11
C ALA A 150 -32.21 26.53 -8.88
N THR A 151 -31.81 26.27 -7.64
CA THR A 151 -30.40 26.20 -7.29
C THR A 151 -29.93 24.74 -7.21
N ARG A 152 -30.88 23.82 -7.23
CA ARG A 152 -30.57 22.39 -7.23
C ARG A 152 -31.70 21.62 -7.94
N GLY A 153 -31.49 20.32 -8.12
CA GLY A 153 -32.52 19.44 -8.65
C GLY A 153 -32.37 19.03 -10.10
N LEU A 154 -33.17 18.05 -10.51
CA LEU A 154 -33.14 17.51 -11.86
C LEU A 154 -33.92 18.40 -12.82
N ALA A 155 -33.27 18.82 -13.90
CA ALA A 155 -33.89 19.73 -14.84
C ALA A 155 -34.34 18.98 -16.09
N VAL A 156 -33.45 18.13 -16.61
CA VAL A 156 -33.80 17.28 -17.74
C VAL A 156 -33.29 15.86 -17.52
N GLU A 157 -34.19 14.89 -17.51
CA GLU A 157 -33.76 13.50 -17.52
C GLU A 157 -33.27 13.16 -18.92
N VAL A 158 -31.96 12.96 -19.06
CA VAL A 158 -31.37 12.72 -20.37
C VAL A 158 -31.51 11.25 -20.74
N THR A 159 -32.48 10.97 -21.60
CA THR A 159 -32.77 9.61 -22.01
C THR A 159 -32.06 9.23 -23.30
N LEU A 160 -31.57 10.24 -24.02
CA LEU A 160 -30.84 9.99 -25.25
C LEU A 160 -29.62 10.90 -25.34
N PRO A 161 -28.58 10.59 -24.58
CA PRO A 161 -27.34 11.35 -24.73
C PRO A 161 -26.67 11.03 -26.04
N LYS A 162 -25.84 11.93 -26.55
CA LYS A 162 -25.10 11.66 -27.78
C LYS A 162 -24.22 10.43 -27.55
N PHE A 163 -23.57 10.38 -26.39
CA PHE A 163 -22.80 9.21 -25.99
C PHE A 163 -23.13 8.80 -24.57
N LYS A 164 -22.85 7.54 -24.22
CA LYS A 164 -23.12 7.04 -22.88
C LYS A 164 -21.89 6.34 -22.29
N LEU A 165 -21.39 6.90 -21.20
CA LEU A 165 -20.39 6.24 -20.37
C LEU A 165 -21.02 5.93 -19.02
N PRO A 166 -20.56 4.85 -18.36
CA PRO A 166 -21.10 4.54 -17.03
C PRO A 166 -20.73 5.60 -16.01
N SER A 167 -21.64 5.91 -15.10
CA SER A 167 -21.35 6.82 -14.00
C SER A 167 -20.92 6.00 -12.79
N LEU A 168 -19.68 6.20 -12.37
CA LEU A 168 -19.08 5.34 -11.35
C LEU A 168 -18.93 6.01 -10.00
N SER A 169 -19.12 7.32 -9.96
CA SER A 169 -18.89 8.09 -8.74
C SER A 169 -19.88 7.72 -7.63
N GLU A 170 -21.08 7.32 -8.00
CA GLU A 170 -22.13 7.05 -7.02
C GLU A 170 -22.18 5.60 -6.55
N LEU A 171 -21.30 4.76 -7.07
CA LEU A 171 -21.26 3.35 -6.67
C LEU A 171 -20.67 3.13 -5.28
N LYS A 172 -21.19 2.13 -4.57
CA LYS A 172 -20.64 1.72 -3.28
C LYS A 172 -19.18 1.33 -3.45
N ALA A 173 -18.90 0.64 -4.55
CA ALA A 173 -17.55 0.19 -4.85
C ALA A 173 -16.58 1.36 -4.94
N PHE A 174 -17.05 2.51 -5.42
CA PHE A 174 -16.21 3.70 -5.48
C PHE A 174 -16.01 4.31 -4.09
N GLU A 175 -17.09 4.39 -3.30
CA GLU A 175 -17.04 4.97 -1.97
C GLU A 175 -16.17 4.14 -1.05
N LYS A 176 -16.12 2.84 -1.30
CA LYS A 176 -15.29 1.93 -0.52
C LYS A 176 -13.83 1.90 -0.99
N GLY A 177 -13.50 2.69 -2.01
CA GLY A 177 -12.12 2.77 -2.46
C GLY A 177 -11.65 1.59 -3.28
N TYR A 178 -12.59 0.89 -3.93
CA TYR A 178 -12.25 -0.30 -4.71
C TYR A 178 -11.59 0.03 -6.05
N PHE A 179 -11.77 1.25 -6.54
CA PHE A 179 -11.18 1.63 -7.81
C PHE A 179 -11.01 3.14 -7.96
N TYR A 180 -10.26 3.52 -8.98
CA TYR A 180 -10.00 4.92 -9.28
C TYR A 180 -10.04 5.10 -10.79
N PRO A 181 -10.99 5.89 -11.29
CA PRO A 181 -11.09 6.12 -12.72
C PRO A 181 -9.82 6.77 -13.25
N GLN A 182 -9.28 6.21 -14.32
CA GLN A 182 -7.98 6.61 -14.83
C GLN A 182 -7.77 6.01 -16.22
N GLY A 183 -7.30 6.82 -17.16
CA GLY A 183 -7.12 6.37 -18.53
C GLY A 183 -5.99 5.36 -18.65
N LEU A 184 -6.05 4.55 -19.69
CA LEU A 184 -5.03 3.52 -19.94
C LEU A 184 -3.61 4.12 -20.05
N PRO A 185 -3.39 5.13 -20.93
CA PRO A 185 -2.04 5.70 -20.96
C PRO A 185 -1.52 6.20 -19.59
N SER A 186 -2.40 6.75 -18.75
CA SER A 186 -2.00 7.18 -17.41
C SER A 186 -1.52 6.04 -16.53
N MET A 187 -2.20 4.89 -16.62
CA MET A 187 -1.81 3.69 -15.89
C MET A 187 -0.48 3.14 -16.38
N VAL A 188 -0.31 3.12 -17.70
CA VAL A 188 0.96 2.71 -18.30
C VAL A 188 2.10 3.56 -17.74
N THR A 189 1.82 4.85 -17.56
CA THR A 189 2.82 5.80 -17.08
C THR A 189 3.43 5.34 -15.75
N ALA A 190 2.58 4.98 -14.80
CA ALA A 190 3.07 4.53 -13.50
C ALA A 190 3.85 3.23 -13.56
N ARG A 191 3.38 2.29 -14.38
CA ARG A 191 4.06 1.00 -14.54
C ARG A 191 5.47 1.21 -15.11
N VAL A 192 5.55 1.99 -16.19
CA VAL A 192 6.81 2.26 -16.84
C VAL A 192 7.84 2.93 -15.91
N LEU A 193 7.36 3.57 -14.84
CA LEU A 193 8.25 4.15 -13.84
C LEU A 193 8.95 3.04 -13.05
N GLU A 194 8.28 1.90 -12.92
CA GLU A 194 8.76 0.75 -12.16
C GLU A 194 9.22 1.12 -10.74
N PRO A 195 8.31 1.69 -9.92
CA PRO A 195 8.71 2.10 -8.57
C PRO A 195 9.05 0.92 -7.66
N LYS A 196 10.12 1.08 -6.89
CA LYS A 196 10.53 0.08 -5.91
C LYS A 196 10.38 0.63 -4.50
N GLU A 197 10.13 -0.25 -3.53
CA GLU A 197 10.01 0.13 -2.13
C GLU A 197 11.23 0.91 -1.60
N ASP A 198 12.39 0.64 -2.18
CA ASP A 198 13.63 1.31 -1.77
C ASP A 198 13.75 2.73 -2.34
N ASP A 199 13.23 2.93 -3.54
CA ASP A 199 13.43 4.18 -4.27
C ASP A 199 12.94 5.39 -3.50
N VAL A 200 13.72 6.47 -3.53
CA VAL A 200 13.20 7.78 -3.18
C VAL A 200 12.39 8.30 -4.37
N ILE A 201 11.13 8.60 -4.13
CA ILE A 201 10.18 8.80 -5.23
C ILE A 201 9.46 10.14 -5.12
N ILE A 202 9.42 10.87 -6.24
CA ILE A 202 8.77 12.17 -6.25
C ILE A 202 7.81 12.34 -7.42
N ASP A 203 6.56 12.61 -7.08
CA ASP A 203 5.54 13.02 -8.04
C ASP A 203 5.36 14.52 -7.90
N MET A 204 5.92 15.30 -8.82
CA MET A 204 6.05 16.75 -8.59
C MET A 204 4.90 17.56 -9.15
N ALA A 205 3.92 16.88 -9.72
CA ALA A 205 2.65 17.50 -10.08
C ALA A 205 1.56 16.47 -9.86
N ALA A 206 1.25 16.23 -8.60
CA ALA A 206 0.61 14.97 -8.22
C ALA A 206 -0.91 15.02 -8.07
N ALA A 207 -1.49 16.19 -7.82
CA ALA A 207 -2.91 16.23 -7.51
C ALA A 207 -3.74 16.12 -8.79
N PRO A 208 -4.92 15.45 -8.71
CA PRO A 208 -5.60 14.86 -7.56
C PRO A 208 -5.11 13.48 -7.08
N GLY A 209 -3.98 13.00 -7.60
CA GLY A 209 -3.34 11.82 -7.02
C GLY A 209 -3.60 10.52 -7.74
N GLY A 210 -4.03 10.62 -9.00
CA GLY A 210 -4.26 9.46 -9.83
C GLY A 210 -3.05 8.58 -9.97
N LYS A 211 -1.94 9.13 -10.46
CA LYS A 211 -0.76 8.32 -10.68
C LYS A 211 -0.04 8.05 -9.37
N THR A 212 -0.19 8.96 -8.42
CA THR A 212 0.49 8.83 -7.14
C THR A 212 -0.03 7.61 -6.40
N THR A 213 -1.34 7.49 -6.32
CA THR A 213 -1.96 6.36 -5.64
C THR A 213 -1.76 5.06 -6.42
N HIS A 214 -1.57 5.16 -7.74
CA HIS A 214 -1.23 3.99 -8.53
C HIS A 214 0.15 3.48 -8.13
N ILE A 215 1.11 4.39 -7.98
CA ILE A 215 2.44 4.02 -7.49
C ILE A 215 2.31 3.37 -6.11
N ALA A 216 1.45 3.96 -5.27
CA ALA A 216 1.24 3.49 -3.91
C ALA A 216 0.87 2.01 -3.85
N GLN A 217 -0.07 1.61 -4.70
CA GLN A 217 -0.51 0.22 -4.73
C GLN A 217 0.52 -0.70 -5.40
N LEU A 218 1.30 -0.18 -6.34
CA LEU A 218 2.42 -0.94 -6.90
C LEU A 218 3.48 -1.17 -5.83
N LEU A 219 3.63 -0.20 -4.94
CA LEU A 219 4.53 -0.33 -3.81
C LEU A 219 3.87 -1.14 -2.70
N GLU A 220 2.57 -1.42 -2.87
CA GLU A 220 1.79 -2.15 -1.89
C GLU A 220 1.84 -1.48 -0.53
N ASN A 221 1.73 -0.15 -0.55
CA ASN A 221 1.71 0.71 0.63
C ASN A 221 3.01 0.67 1.42
N LYS A 222 4.08 0.22 0.79
CA LYS A 222 5.41 0.27 1.38
C LYS A 222 6.21 1.47 0.87
N GLY A 223 7.34 1.74 1.50
CA GLY A 223 8.18 2.85 1.08
C GLY A 223 7.54 4.20 1.39
N GLU A 224 7.92 5.20 0.61
CA GLU A 224 7.36 6.54 0.74
C GLU A 224 7.28 7.24 -0.62
N ILE A 225 6.18 7.95 -0.86
CA ILE A 225 6.04 8.75 -2.07
C ILE A 225 5.84 10.21 -1.68
N ILE A 226 6.70 11.08 -2.19
CA ILE A 226 6.52 12.51 -1.98
C ILE A 226 5.72 13.07 -3.13
N ALA A 227 4.61 13.70 -2.81
CA ALA A 227 3.69 14.21 -3.81
C ALA A 227 3.53 15.73 -3.71
N ILE A 228 3.89 16.41 -4.79
CA ILE A 228 3.96 17.87 -4.81
C ILE A 228 2.85 18.47 -5.66
N ASP A 229 2.20 19.51 -5.17
CA ASP A 229 1.30 20.33 -5.99
C ASP A 229 1.22 21.76 -5.47
N LYS A 230 1.00 22.72 -6.37
CA LYS A 230 0.93 24.12 -5.98
C LYS A 230 -0.45 24.45 -5.44
N SER A 231 -1.48 23.79 -5.97
CA SER A 231 -2.86 24.08 -5.61
C SER A 231 -3.25 23.39 -4.30
N LYS A 232 -3.76 24.20 -3.36
CA LYS A 232 -4.18 23.69 -2.06
C LYS A 232 -5.51 22.94 -2.16
N ASN A 233 -6.40 23.40 -3.02
CA ASN A 233 -7.69 22.76 -3.22
C ASN A 233 -7.50 21.39 -3.85
N ARG A 234 -6.66 21.33 -4.88
CA ARG A 234 -6.40 20.07 -5.54
C ARG A 234 -5.68 19.11 -4.59
N LEU A 235 -4.81 19.65 -3.73
CA LEU A 235 -4.20 18.86 -2.66
C LEU A 235 -5.23 18.43 -1.64
N ARG A 236 -6.23 19.28 -1.43
CA ARG A 236 -7.32 18.96 -0.53
C ARG A 236 -8.11 17.77 -1.08
N LYS A 237 -8.36 17.77 -2.39
CA LYS A 237 -9.06 16.66 -3.05
C LYS A 237 -8.20 15.39 -3.02
N MET A 238 -6.90 15.57 -3.13
CA MET A 238 -5.96 14.45 -3.11
C MET A 238 -5.94 13.77 -1.74
N GLU A 239 -6.07 14.57 -0.68
CA GLU A 239 -6.17 14.04 0.67
C GLU A 239 -7.38 13.10 0.78
N GLU A 240 -8.50 13.50 0.18
CA GLU A 240 -9.70 12.69 0.20
C GLU A 240 -9.51 11.39 -0.59
N ASN A 241 -8.88 11.47 -1.76
CA ASN A 241 -8.61 10.29 -2.58
C ASN A 241 -7.74 9.29 -1.85
N ILE A 242 -6.73 9.81 -1.16
CA ILE A 242 -5.79 8.98 -0.41
C ILE A 242 -6.51 8.21 0.69
N LYS A 243 -7.36 8.90 1.43
CA LYS A 243 -8.07 8.29 2.54
C LYS A 243 -9.02 7.21 2.05
N ARG A 244 -9.75 7.52 0.98
CA ARG A 244 -10.73 6.60 0.41
C ARG A 244 -10.09 5.33 -0.14
N LEU A 245 -8.94 5.50 -0.80
CA LEU A 245 -8.24 4.37 -1.40
C LEU A 245 -7.45 3.58 -0.37
N GLY A 246 -7.35 4.12 0.85
CA GLY A 246 -6.61 3.46 1.90
C GLY A 246 -5.11 3.56 1.69
N VAL A 247 -4.68 4.64 1.06
CA VAL A 247 -3.26 4.87 0.80
C VAL A 247 -2.57 5.45 2.03
N LYS A 248 -1.55 4.75 2.51
CA LYS A 248 -0.80 5.18 3.70
C LYS A 248 0.66 5.47 3.33
N ASN A 249 0.87 5.68 2.04
CA ASN A 249 2.21 5.61 1.47
C ASN A 249 2.78 6.97 1.11
N VAL A 250 1.96 8.01 1.23
CA VAL A 250 2.23 9.28 0.56
C VAL A 250 2.40 10.45 1.53
N LYS A 251 3.43 11.25 1.27
CA LYS A 251 3.67 12.50 1.97
C LYS A 251 3.38 13.68 1.05
N LEU A 252 2.35 14.45 1.38
CA LEU A 252 1.98 15.65 0.62
C LEU A 252 2.80 16.88 1.01
N VAL A 253 3.30 17.60 0.01
CA VAL A 253 3.97 18.88 0.23
C VAL A 253 3.45 19.92 -0.79
N GLN A 254 2.99 21.05 -0.28
CA GLN A 254 2.56 22.15 -1.14
C GLN A 254 3.72 23.09 -1.46
N MET A 255 3.92 23.38 -2.75
CA MET A 255 5.05 24.19 -3.22
C MET A 255 5.07 24.30 -4.74
N ASP A 256 5.75 25.32 -5.25
CA ASP A 256 6.05 25.44 -6.67
C ASP A 256 7.13 24.42 -7.02
N ALA A 257 6.76 23.41 -7.80
CA ALA A 257 7.66 22.29 -8.09
C ALA A 257 8.88 22.69 -8.90
N ARG A 258 8.84 23.88 -9.49
CA ARG A 258 9.98 24.40 -10.25
C ARG A 258 11.14 24.75 -9.33
N LYS A 259 10.85 24.88 -8.04
CA LYS A 259 11.86 25.10 -7.01
C LYS A 259 12.23 23.81 -6.25
N LEU A 260 11.88 22.66 -6.81
CA LEU A 260 12.15 21.35 -6.20
C LEU A 260 13.56 21.15 -5.57
N PRO A 261 14.63 21.56 -6.26
CA PRO A 261 15.96 21.38 -5.64
C PRO A 261 16.17 22.13 -4.32
N ASP A 262 15.24 23.00 -3.93
CA ASP A 262 15.32 23.68 -2.63
C ASP A 262 15.26 22.68 -1.48
N LEU A 263 14.56 21.57 -1.69
CA LEU A 263 14.66 20.43 -0.78
C LEU A 263 16.07 19.86 -0.85
N GLY A 264 16.40 18.93 0.03
CA GLY A 264 17.75 18.40 0.03
C GLY A 264 17.74 17.01 -0.55
N ILE A 265 16.71 16.73 -1.32
CA ILE A 265 16.46 15.37 -1.79
C ILE A 265 17.04 15.08 -3.16
N LYS A 266 17.73 13.96 -3.26
CA LYS A 266 18.18 13.45 -4.54
C LYS A 266 17.39 12.17 -4.79
N ALA A 267 16.38 12.26 -5.64
CA ALA A 267 15.46 11.14 -5.87
C ALA A 267 16.05 10.10 -6.81
N ASP A 268 15.60 8.86 -6.64
CA ASP A 268 15.91 7.77 -7.57
C ASP A 268 14.90 7.70 -8.70
N LYS A 269 13.67 8.09 -8.39
CA LYS A 269 12.57 8.02 -9.34
C LYS A 269 11.76 9.29 -9.24
N ILE A 270 11.57 9.95 -10.38
CA ILE A 270 10.73 11.12 -10.45
C ILE A 270 9.69 10.99 -11.55
N LEU A 271 8.42 11.14 -11.18
CA LEU A 271 7.36 11.24 -12.17
C LEU A 271 7.00 12.71 -12.38
N LEU A 272 7.06 13.14 -13.64
CA LEU A 272 6.64 14.49 -14.01
C LEU A 272 5.48 14.41 -14.99
N ASP A 273 4.28 14.40 -14.43
CA ASP A 273 3.07 14.45 -15.25
C ASP A 273 2.70 15.91 -15.41
N ALA A 274 3.31 16.54 -16.40
CA ALA A 274 3.42 17.99 -16.43
C ALA A 274 2.15 18.68 -16.88
N PRO A 275 1.83 19.83 -16.26
CA PRO A 275 0.74 20.66 -16.78
C PRO A 275 1.00 20.94 -18.25
N CYS A 276 -0.03 20.85 -19.07
CA CYS A 276 0.15 20.91 -20.50
C CYS A 276 -1.08 21.52 -21.15
N THR A 277 -0.98 21.78 -22.45
CA THR A 277 -2.09 22.39 -23.18
C THR A 277 -3.32 21.47 -23.25
N ALA A 278 -3.13 20.19 -22.90
CA ALA A 278 -4.22 19.21 -22.81
C ALA A 278 -4.94 19.04 -24.14
N LEU A 279 -4.20 19.16 -25.24
CA LEU A 279 -4.78 19.05 -26.58
C LEU A 279 -5.38 17.66 -26.85
N GLY A 280 -4.99 16.68 -26.04
CA GLY A 280 -5.39 15.31 -26.27
C GLY A 280 -6.61 14.81 -25.49
N VAL A 281 -7.15 15.64 -24.60
CA VAL A 281 -8.21 15.18 -23.73
C VAL A 281 -9.52 15.01 -24.49
N ARG A 282 -10.33 14.05 -24.05
CA ARG A 282 -11.60 13.74 -24.70
C ARG A 282 -12.73 13.72 -23.67
N PRO A 283 -13.93 14.15 -24.07
CA PRO A 283 -14.27 14.68 -25.39
C PRO A 283 -13.84 16.14 -25.57
N LYS A 284 -13.57 16.51 -26.81
CA LYS A 284 -13.16 17.87 -27.13
C LYS A 284 -14.27 18.56 -27.90
N LEU A 285 -15.21 19.15 -27.17
CA LEU A 285 -16.35 19.85 -27.80
C LEU A 285 -15.86 21.07 -28.58
N TRP A 286 -15.07 21.91 -27.91
CA TRP A 286 -14.45 23.06 -28.56
C TRP A 286 -13.05 23.26 -27.99
N GLU A 287 -12.05 23.26 -28.86
CA GLU A 287 -10.68 23.53 -28.43
C GLU A 287 -10.45 25.03 -28.32
N GLU A 288 -10.05 25.50 -27.13
CA GLU A 288 -9.84 26.93 -26.91
C GLU A 288 -8.36 27.26 -27.03
N ARG A 289 -7.51 26.31 -26.68
CA ARG A 289 -6.07 26.54 -26.73
C ARG A 289 -5.54 26.34 -28.12
N THR A 290 -4.52 27.12 -28.46
CA THR A 290 -3.89 27.07 -29.77
C THR A 290 -2.39 27.37 -29.68
N LEU A 291 -1.79 27.75 -30.80
CA LEU A 291 -0.33 27.78 -30.94
C LEU A 291 0.40 28.61 -29.88
N LYS A 292 -0.09 29.80 -29.55
CA LYS A 292 0.56 30.61 -28.52
C LYS A 292 0.63 29.92 -27.16
N HIS A 293 -0.37 29.09 -26.85
CA HIS A 293 -0.38 28.31 -25.62
C HIS A 293 0.64 27.18 -25.64
N ILE A 294 0.85 26.60 -26.82
CA ILE A 294 1.80 25.51 -26.95
C ILE A 294 3.21 25.99 -26.61
N GLU A 295 3.63 27.11 -27.20
CA GLU A 295 4.96 27.64 -26.95
C GLU A 295 5.14 28.07 -25.49
N ALA A 296 4.19 28.82 -24.96
CA ALA A 296 4.25 29.31 -23.58
C ALA A 296 4.30 28.17 -22.58
N THR A 297 3.44 27.17 -22.78
CA THR A 297 3.36 26.02 -21.88
C THR A 297 4.61 25.16 -21.98
N ALA A 298 5.10 24.97 -23.21
CA ALA A 298 6.31 24.18 -23.43
C ALA A 298 7.50 24.81 -22.71
N ARG A 299 7.57 26.13 -22.75
CA ARG A 299 8.64 26.85 -22.06
C ARG A 299 8.46 26.74 -20.55
N TYR A 300 7.20 26.66 -20.13
CA TYR A 300 6.87 26.58 -18.72
C TYR A 300 7.22 25.20 -18.16
N GLN A 301 7.13 24.17 -18.99
CA GLN A 301 7.41 22.80 -18.58
C GLN A 301 8.90 22.59 -18.36
N ARG A 302 9.73 23.29 -19.13
CA ARG A 302 11.18 23.20 -19.06
C ARG A 302 11.69 23.47 -17.64
N ALA A 303 11.07 24.44 -16.97
CA ALA A 303 11.40 24.77 -15.60
C ALA A 303 11.21 23.57 -14.66
N PHE A 304 10.11 22.85 -14.82
CA PHE A 304 9.87 21.61 -14.08
C PHE A 304 10.93 20.57 -14.40
N ILE A 305 11.14 20.37 -15.70
CA ILE A 305 12.09 19.37 -16.18
C ILE A 305 13.49 19.60 -15.60
N TRP A 306 13.99 20.82 -15.75
CA TRP A 306 15.31 21.19 -15.24
C TRP A 306 15.39 20.99 -13.73
N ALA A 307 14.31 21.36 -13.03
CA ALA A 307 14.24 21.15 -11.60
C ALA A 307 14.36 19.66 -11.27
N ALA A 308 13.70 18.83 -12.07
CA ALA A 308 13.71 17.39 -11.86
C ALA A 308 15.10 16.80 -12.09
N ILE A 309 15.71 17.17 -13.22
CA ILE A 309 17.03 16.68 -13.59
C ILE A 309 18.06 16.98 -12.51
N LYS A 310 18.02 18.21 -11.98
CA LYS A 310 18.92 18.59 -10.90
C LYS A 310 18.63 17.83 -9.61
N SER A 311 17.38 17.41 -9.42
CA SER A 311 16.99 16.68 -8.22
C SER A 311 17.15 15.17 -8.35
N LEU A 312 17.58 14.69 -9.51
CA LEU A 312 17.79 13.26 -9.72
C LEU A 312 19.20 12.82 -9.36
N ARG A 313 19.31 11.67 -8.70
CA ARG A 313 20.61 11.04 -8.52
C ARG A 313 21.10 10.62 -9.89
N ARG A 314 22.42 10.57 -10.07
CA ARG A 314 22.98 9.95 -11.26
C ARG A 314 22.50 8.51 -11.29
N GLY A 315 22.19 8.01 -12.49
CA GLY A 315 21.55 6.70 -12.61
C GLY A 315 20.08 6.73 -12.28
N GLY A 316 19.57 7.90 -11.91
CA GLY A 316 18.16 8.04 -11.57
C GLY A 316 17.26 8.08 -12.78
N VAL A 317 15.96 7.89 -12.55
CA VAL A 317 14.99 7.79 -13.64
C VAL A 317 13.89 8.83 -13.58
N LEU A 318 13.63 9.48 -14.71
CA LEU A 318 12.52 10.41 -14.84
C LEU A 318 11.52 9.91 -15.87
N VAL A 319 10.25 9.91 -15.48
CA VAL A 319 9.18 9.64 -16.43
C VAL A 319 8.40 10.93 -16.64
N TYR A 320 8.40 11.41 -17.88
CA TYR A 320 7.72 12.63 -18.26
C TYR A 320 6.46 12.28 -19.06
N SER A 321 5.32 12.83 -18.67
CA SER A 321 4.08 12.54 -19.38
C SER A 321 3.19 13.77 -19.54
N THR A 322 2.46 13.83 -20.66
CA THR A 322 1.45 14.86 -20.88
C THR A 322 0.20 14.26 -21.53
N CYS A 323 -0.92 14.95 -21.38
CA CYS A 323 -2.12 14.60 -22.12
C CYS A 323 -2.32 15.55 -23.31
N THR A 324 -1.23 15.84 -24.01
CA THR A 324 -1.28 16.74 -25.16
C THR A 324 -0.57 16.15 -26.38
N LEU A 325 -0.92 16.66 -27.56
CA LEU A 325 -0.46 16.15 -28.85
C LEU A 325 0.71 16.91 -29.47
N SER A 326 1.00 18.10 -28.94
CA SER A 326 1.98 19.00 -29.57
C SER A 326 3.38 18.39 -29.57
N TYR A 327 4.17 18.77 -30.58
CA TYR A 327 5.56 18.38 -30.64
C TYR A 327 6.39 19.08 -29.55
N GLU A 328 6.22 20.40 -29.44
CA GLU A 328 7.03 21.22 -28.56
C GLU A 328 7.00 20.79 -27.09
N GLU A 329 5.82 20.44 -26.60
CA GLU A 329 5.68 20.02 -25.20
C GLU A 329 6.15 18.58 -24.98
N ASN A 330 6.35 17.84 -26.07
CA ASN A 330 6.68 16.43 -25.96
C ASN A 330 8.09 16.12 -26.46
N GLU A 331 8.22 15.73 -27.72
CA GLU A 331 9.52 15.37 -28.28
C GLU A 331 10.53 16.51 -28.18
N GLY A 332 10.04 17.74 -28.35
CA GLY A 332 10.88 18.91 -28.29
C GLY A 332 11.49 19.12 -26.93
N ASN A 333 10.69 18.92 -25.89
CA ASN A 333 11.18 19.05 -24.53
C ASN A 333 12.00 17.85 -24.08
N VAL A 334 11.91 16.73 -24.80
CA VAL A 334 12.77 15.60 -24.49
C VAL A 334 14.18 15.83 -25.03
N LYS A 335 14.26 16.41 -26.23
CA LYS A 335 15.54 16.84 -26.80
C LYS A 335 16.26 17.76 -25.82
N PHE A 336 15.52 18.70 -25.25
CA PHE A 336 16.00 19.52 -24.14
C PHE A 336 16.63 18.66 -23.04
N MET A 337 15.91 17.62 -22.63
CA MET A 337 16.42 16.74 -21.57
C MET A 337 17.68 15.99 -22.01
N ILE A 338 17.72 15.58 -23.27
CA ILE A 338 18.89 14.86 -23.80
C ILE A 338 20.12 15.75 -23.80
N ARG A 339 19.93 17.05 -24.04
CA ARG A 339 21.04 17.99 -23.98
C ARG A 339 21.50 18.27 -22.55
N LYS A 340 20.67 17.90 -21.58
CA LYS A 340 20.99 18.15 -20.17
C LYS A 340 21.44 16.90 -19.42
N GLY A 341 21.97 15.92 -20.14
CA GLY A 341 22.55 14.75 -19.50
C GLY A 341 21.59 13.61 -19.22
N MET A 342 20.47 13.58 -19.92
CA MET A 342 19.51 12.50 -19.78
C MET A 342 19.56 11.56 -20.98
N LYS A 343 19.30 10.28 -20.74
CA LYS A 343 19.33 9.27 -21.80
C LYS A 343 18.01 8.53 -21.91
N LEU A 344 17.53 8.39 -23.15
CA LEU A 344 16.29 7.65 -23.41
C LEU A 344 16.45 6.18 -23.07
N GLU A 345 15.43 5.62 -22.44
CA GLU A 345 15.42 4.20 -22.09
C GLU A 345 14.15 3.52 -22.58
N GLU A 346 14.28 2.27 -22.97
CA GLU A 346 13.15 1.43 -23.34
C GLU A 346 12.15 1.41 -22.19
N GLN A 347 10.87 1.59 -22.50
CA GLN A 347 9.81 1.49 -21.50
C GLN A 347 9.34 0.04 -21.37
N SER A 348 8.96 -0.36 -20.17
CA SER A 348 8.66 -1.76 -19.90
C SER A 348 7.39 -2.22 -20.62
N ILE A 349 6.45 -1.30 -20.79
CA ILE A 349 5.21 -1.60 -21.52
C ILE A 349 5.06 -0.65 -22.72
N PHE A 350 5.01 -1.22 -23.92
CA PHE A 350 4.83 -0.41 -25.11
C PHE A 350 3.68 -0.94 -25.99
N ILE A 351 2.52 -0.30 -25.89
CA ILE A 351 1.35 -0.69 -26.68
C ILE A 351 0.81 0.47 -27.51
N GLY A 352 1.42 1.64 -27.38
CA GLY A 352 1.02 2.80 -28.15
C GLY A 352 1.78 2.91 -29.45
N SER A 353 2.08 4.14 -29.86
CA SER A 353 2.84 4.38 -31.08
C SER A 353 4.24 4.95 -30.79
N PRO A 354 5.16 4.82 -31.75
CA PRO A 354 6.45 5.51 -31.62
C PRO A 354 6.27 7.03 -31.64
N GLY A 355 7.25 7.77 -31.12
CA GLY A 355 7.19 9.23 -31.15
C GLY A 355 7.48 9.83 -32.51
N ILE A 356 7.35 11.14 -32.62
CA ILE A 356 7.62 11.84 -33.88
C ILE A 356 9.13 11.95 -34.13
N GLY A 357 9.65 11.13 -35.04
CA GLY A 357 11.06 11.12 -35.38
C GLY A 357 11.90 10.78 -34.16
N MET A 358 11.39 9.87 -33.35
CA MET A 358 12.02 9.60 -32.07
C MET A 358 11.57 8.25 -31.50
N ASN A 359 12.53 7.45 -31.06
CA ASN A 359 12.36 5.99 -31.02
C ASN A 359 11.78 5.36 -29.76
N LYS A 360 12.22 5.79 -28.58
CA LYS A 360 11.85 5.07 -27.37
C LYS A 360 10.73 5.76 -26.57
N VAL A 361 10.26 6.93 -27.02
CA VAL A 361 9.12 7.57 -26.37
C VAL A 361 7.83 6.98 -26.90
N GLN A 362 6.77 7.10 -26.13
CA GLN A 362 5.52 6.43 -26.43
C GLN A 362 4.37 7.41 -26.56
N ARG A 363 3.69 7.37 -27.69
CA ARG A 363 2.51 8.20 -27.90
C ARG A 363 1.23 7.39 -27.96
N PHE A 364 0.14 8.00 -27.49
CA PHE A 364 -1.18 7.41 -27.67
C PHE A 364 -2.03 8.34 -28.51
N TYR A 365 -2.79 7.74 -29.43
CA TYR A 365 -3.67 8.48 -30.32
C TYR A 365 -5.10 7.93 -30.15
N PRO A 366 -6.10 8.82 -30.18
CA PRO A 366 -7.50 8.41 -30.01
C PRO A 366 -8.01 7.50 -31.12
N HIS A 367 -7.55 7.69 -32.35
CA HIS A 367 -8.04 6.87 -33.45
C HIS A 367 -7.35 5.51 -33.50
N LYS A 368 -6.12 5.42 -32.97
CA LYS A 368 -5.40 4.15 -33.01
C LYS A 368 -5.60 3.32 -31.76
N HIS A 369 -5.66 3.98 -30.60
CA HIS A 369 -5.61 3.25 -29.34
C HIS A 369 -6.86 3.44 -28.48
N LEU A 370 -7.81 4.23 -28.97
CA LEU A 370 -9.12 4.37 -28.32
C LEU A 370 -8.98 5.13 -27.01
N THR A 371 -7.90 5.90 -26.89
CA THR A 371 -7.58 6.60 -25.65
C THR A 371 -7.56 8.10 -25.89
N GLN A 372 -7.27 8.86 -24.85
CA GLN A 372 -6.93 10.27 -25.02
C GLN A 372 -5.58 10.39 -25.70
N GLY A 373 -5.31 11.54 -26.31
CA GLY A 373 -3.97 11.82 -26.81
C GLY A 373 -3.02 11.89 -25.63
N PHE A 374 -1.86 11.25 -25.75
CA PHE A 374 -0.96 11.11 -24.61
C PHE A 374 0.49 10.93 -25.04
N PHE A 375 1.40 11.17 -24.12
CA PHE A 375 2.83 11.09 -24.42
C PHE A 375 3.57 10.61 -23.18
N ILE A 376 4.51 9.69 -23.37
CA ILE A 376 5.29 9.14 -22.27
C ILE A 376 6.75 9.01 -22.64
N ALA A 377 7.61 9.65 -21.85
CA ALA A 377 9.05 9.53 -22.03
C ALA A 377 9.70 9.05 -20.73
N LYS A 378 10.58 8.06 -20.86
CA LYS A 378 11.32 7.54 -19.72
C LYS A 378 12.81 7.77 -19.95
N LEU A 379 13.45 8.46 -19.01
CA LEU A 379 14.85 8.84 -19.17
C LEU A 379 15.73 8.44 -17.99
N ARG A 380 16.99 8.20 -18.30
CA ARG A 380 17.99 7.86 -17.31
C ARG A 380 19.04 8.97 -17.24
N LYS A 381 19.31 9.46 -16.05
CA LYS A 381 20.27 10.54 -15.86
C LYS A 381 21.68 9.96 -15.83
N VAL A 382 22.41 10.10 -16.93
CA VAL A 382 23.74 9.52 -17.06
C VAL A 382 24.85 10.38 -16.43
N LYS A 383 24.61 11.69 -16.38
CA LYS A 383 25.57 12.60 -15.74
C LYS A 383 24.92 13.93 -15.39
N ASP A 384 25.62 14.74 -14.61
CA ASP A 384 25.10 16.03 -14.16
C ASP A 384 25.38 17.13 -15.17
N TYR B 1 10.51 3.62 33.64
CA TYR B 1 10.02 2.78 32.55
C TYR B 1 8.50 2.90 32.36
N LEU B 2 7.80 3.29 33.43
CA LEU B 2 6.33 3.41 33.38
C LEU B 2 5.88 4.38 32.30
N GLU B 3 6.74 5.34 31.98
CA GLU B 3 6.42 6.36 30.99
C GLU B 3 6.16 5.75 29.62
N ALA B 4 6.72 4.56 29.38
CA ALA B 4 6.57 3.87 28.10
C ALA B 4 5.15 3.38 27.86
N PHE B 5 4.34 3.38 28.92
CA PHE B 5 3.01 2.83 28.86
C PHE B 5 1.98 3.89 29.20
N PRO B 6 0.96 4.05 28.36
CA PRO B 6 -0.07 5.05 28.63
C PRO B 6 -0.74 4.83 29.98
N LYS B 7 -1.22 5.90 30.59
CA LYS B 7 -1.69 5.88 31.97
C LYS B 7 -2.86 4.91 32.18
N GLU B 8 -3.79 4.91 31.23
CA GLU B 8 -4.96 4.08 31.34
C GLU B 8 -4.61 2.59 31.19
N LEU B 9 -3.60 2.29 30.38
CA LEU B 9 -3.13 0.91 30.25
C LEU B 9 -2.41 0.44 31.52
N ARG B 10 -1.69 1.36 32.16
CA ARG B 10 -1.00 1.04 33.41
C ARG B 10 -2.01 0.69 34.49
N GLU B 11 -3.08 1.47 34.58
CA GLU B 11 -4.17 1.19 35.51
C GLU B 11 -4.78 -0.16 35.20
N TYR B 12 -4.94 -0.45 33.91
CA TYR B 12 -5.46 -1.74 33.46
C TYR B 12 -4.57 -2.90 33.93
N TYR B 13 -3.26 -2.78 33.70
CA TYR B 13 -2.35 -3.82 34.14
C TYR B 13 -2.42 -4.03 35.66
N LYS B 14 -2.36 -2.91 36.40
CA LYS B 14 -2.47 -2.95 37.86
C LYS B 14 -3.75 -3.68 38.28
N ASN B 15 -4.86 -3.36 37.62
CA ASN B 15 -6.13 -4.01 37.92
C ASN B 15 -6.10 -5.50 37.61
N LEU B 16 -5.46 -5.87 36.49
CA LEU B 16 -5.53 -7.25 36.00
C LEU B 16 -4.47 -8.18 36.61
N PHE B 17 -3.33 -7.63 37.02
CA PHE B 17 -2.24 -8.45 37.50
C PHE B 17 -1.88 -8.17 38.96
N GLY B 18 -2.33 -7.04 39.48
CA GLY B 18 -1.87 -6.61 40.79
C GLY B 18 -0.74 -5.62 40.59
N LYS B 19 -0.66 -4.63 41.47
CA LYS B 19 0.27 -3.51 41.31
C LYS B 19 1.70 -4.00 41.14
N GLU B 20 2.08 -4.97 41.96
CA GLU B 20 3.46 -5.45 41.94
C GLU B 20 3.85 -6.12 40.64
N GLU B 21 3.06 -7.12 40.24
CA GLU B 21 3.30 -7.86 39.02
C GLU B 21 3.27 -6.95 37.80
N ALA B 22 2.32 -6.01 37.80
CA ALA B 22 2.20 -5.04 36.73
C ALA B 22 3.47 -4.23 36.55
N ASN B 23 4.10 -3.84 37.67
CA ASN B 23 5.32 -3.07 37.61
C ASN B 23 6.47 -3.91 37.10
N LYS B 24 6.47 -5.19 37.48
CA LYS B 24 7.50 -6.11 37.01
C LYS B 24 7.33 -6.43 35.54
N ILE B 25 6.09 -6.52 35.08
CA ILE B 25 5.83 -6.87 33.70
C ILE B 25 6.24 -5.72 32.78
N MET B 26 5.82 -4.51 33.14
CA MET B 26 6.12 -3.32 32.33
C MET B 26 7.62 -3.06 32.27
N LYS B 27 8.29 -3.24 33.40
CA LYS B 27 9.74 -3.07 33.45
C LYS B 27 10.46 -4.05 32.51
N LYS B 28 10.06 -5.31 32.55
CA LYS B 28 10.70 -6.35 31.73
C LYS B 28 10.32 -6.20 30.26
N LEU B 29 9.09 -5.80 30.00
CA LEU B 29 8.61 -5.58 28.64
C LEU B 29 9.45 -4.56 27.88
N ARG B 30 10.06 -3.63 28.60
CA ARG B 30 10.87 -2.61 27.96
C ARG B 30 12.23 -3.15 27.52
N GLU B 31 12.56 -4.36 27.99
CA GLU B 31 13.83 -4.99 27.66
C GLU B 31 13.62 -6.14 26.69
N PRO B 32 14.65 -6.44 25.88
CA PRO B 32 14.64 -7.61 24.99
C PRO B 32 14.62 -8.89 25.80
N VAL B 33 14.20 -10.00 25.20
CA VAL B 33 14.16 -11.27 25.91
C VAL B 33 15.54 -11.64 26.47
N GLU B 34 15.53 -12.23 27.67
CA GLU B 34 16.77 -12.62 28.32
C GLU B 34 17.31 -13.88 27.64
N HIS B 35 16.40 -14.71 27.16
CA HIS B 35 16.75 -15.92 26.43
C HIS B 35 16.21 -15.83 25.00
N TYR B 36 17.11 -15.65 24.04
CA TYR B 36 16.73 -15.45 22.64
C TYR B 36 16.69 -16.77 21.88
N TYR B 37 15.48 -17.24 21.56
CA TYR B 37 15.28 -18.59 21.05
C TYR B 37 15.28 -18.70 19.53
N ILE B 38 15.77 -19.83 19.05
CA ILE B 38 15.69 -20.19 17.64
C ILE B 38 15.19 -21.60 17.52
N ARG B 39 14.56 -21.91 16.39
CA ARG B 39 14.12 -23.27 16.15
C ARG B 39 15.10 -23.98 15.24
N VAL B 40 15.59 -25.12 15.70
CA VAL B 40 16.36 -26.00 14.83
C VAL B 40 15.46 -26.58 13.74
N ASN B 41 15.81 -26.33 12.48
CA ASN B 41 15.07 -26.89 11.36
C ASN B 41 15.48 -28.33 11.15
N THR B 42 14.80 -29.25 11.82
CA THR B 42 15.13 -30.67 11.72
C THR B 42 14.88 -31.26 10.33
N LEU B 43 14.31 -30.47 9.42
CA LEU B 43 14.15 -30.90 8.04
C LEU B 43 15.50 -30.98 7.33
N LYS B 44 16.46 -30.18 7.81
CA LYS B 44 17.77 -30.08 7.17
C LYS B 44 18.93 -30.47 8.08
N ILE B 45 18.74 -30.40 9.40
CA ILE B 45 19.86 -30.55 10.31
C ILE B 45 19.39 -30.95 11.70
N SER B 46 20.28 -31.60 12.44
CA SER B 46 19.99 -31.94 13.83
C SER B 46 20.45 -30.81 14.77
N ARG B 47 19.96 -30.86 16.00
CA ARG B 47 20.31 -29.87 17.01
C ARG B 47 21.80 -29.82 17.30
N GLU B 48 22.39 -30.97 17.55
CA GLU B 48 23.79 -31.04 17.92
C GLU B 48 24.70 -30.61 16.77
N LYS B 49 24.34 -30.97 15.55
CA LYS B 49 25.09 -30.54 14.38
C LYS B 49 25.06 -29.02 14.27
N LEU B 50 23.86 -28.44 14.41
CA LEU B 50 23.69 -27.00 14.33
C LEU B 50 24.47 -26.31 15.45
N ILE B 51 24.42 -26.87 16.65
CA ILE B 51 25.26 -26.38 17.74
C ILE B 51 26.71 -26.28 17.31
N GLY B 52 27.22 -27.36 16.72
CA GLY B 52 28.57 -27.34 16.16
C GLY B 52 28.80 -26.20 15.19
N GLU B 53 27.82 -25.95 14.31
CA GLU B 53 27.95 -24.92 13.28
C GLU B 53 27.96 -23.52 13.88
N LEU B 54 27.16 -23.32 14.91
CA LEU B 54 27.04 -22.00 15.55
C LEU B 54 28.24 -21.67 16.42
N LYS B 55 28.82 -22.71 17.03
CA LYS B 55 30.02 -22.52 17.84
C LYS B 55 31.19 -22.10 16.95
N LYS B 56 31.22 -22.63 15.73
CA LYS B 56 32.21 -22.22 14.74
C LYS B 56 32.19 -20.70 14.54
N GLU B 57 31.00 -20.13 14.58
CA GLU B 57 30.81 -18.69 14.37
C GLU B 57 31.00 -17.90 15.67
N GLY B 58 31.45 -18.56 16.72
CA GLY B 58 31.71 -17.90 17.99
C GLY B 58 30.47 -17.65 18.84
N LEU B 59 29.37 -18.32 18.49
CA LEU B 59 28.13 -18.17 19.27
C LEU B 59 28.05 -19.25 20.35
N LYS B 60 27.30 -18.95 21.41
CA LYS B 60 27.19 -19.87 22.54
C LYS B 60 25.76 -20.37 22.77
N PRO B 61 25.26 -21.19 21.84
CA PRO B 61 23.88 -21.68 21.97
C PRO B 61 23.69 -22.59 23.18
N LEU B 62 22.52 -22.50 23.80
CA LEU B 62 22.18 -23.40 24.89
C LEU B 62 20.95 -24.22 24.52
N ARG B 63 20.87 -25.43 25.07
CA ARG B 63 19.81 -26.38 24.74
C ARG B 63 18.59 -26.20 25.63
N SER B 64 17.41 -26.38 25.06
CA SER B 64 16.19 -26.43 25.87
C SER B 64 15.93 -27.87 26.27
N PRO B 65 15.65 -28.08 27.57
CA PRO B 65 15.33 -29.43 28.05
C PRO B 65 13.87 -29.81 27.80
N TYR B 66 13.08 -28.88 27.28
CA TYR B 66 11.67 -29.12 27.00
C TYR B 66 11.41 -29.29 25.52
N LEU B 67 12.14 -28.54 24.73
CA LEU B 67 12.02 -28.59 23.28
C LEU B 67 13.32 -29.08 22.64
N PRO B 68 13.34 -30.33 22.19
CA PRO B 68 14.50 -30.87 21.48
C PRO B 68 14.87 -30.06 20.22
N GLU B 69 13.94 -29.25 19.72
CA GLU B 69 14.25 -28.40 18.56
C GLU B 69 14.57 -26.97 19.01
N GLY B 70 14.69 -26.78 20.32
CA GLY B 70 14.92 -25.45 20.85
C GLY B 70 16.38 -25.17 21.20
N LEU B 71 16.87 -24.03 20.74
CA LEU B 71 18.15 -23.49 21.18
C LEU B 71 17.97 -22.02 21.54
N TYR B 72 18.73 -21.56 22.53
CA TYR B 72 18.62 -20.15 22.89
C TYR B 72 19.98 -19.54 23.22
N PHE B 73 20.06 -18.22 23.06
CA PHE B 73 21.26 -17.45 23.37
C PHE B 73 20.96 -16.54 24.55
N VAL B 74 21.92 -16.38 25.45
CA VAL B 74 21.72 -15.51 26.61
C VAL B 74 22.00 -14.05 26.24
N ARG B 75 21.06 -13.18 26.58
CA ARG B 75 21.14 -11.76 26.27
C ARG B 75 22.25 -11.07 27.08
N GLU B 76 22.90 -10.08 26.48
CA GLU B 76 23.88 -9.28 27.20
C GLU B 76 23.27 -7.92 27.49
N GLY B 77 23.53 -7.40 28.69
CA GLY B 77 23.07 -6.08 29.08
C GLY B 77 22.19 -6.08 30.32
N PRO B 78 21.78 -4.88 30.78
CA PRO B 78 22.04 -3.59 30.16
C PRO B 78 23.48 -3.12 30.35
N ASN B 79 24.06 -2.52 29.31
CA ASN B 79 25.46 -2.11 29.32
C ASN B 79 25.70 -0.73 29.91
N PHE B 80 24.63 0.01 30.15
CA PHE B 80 24.74 1.27 30.88
C PHE B 80 23.45 1.56 31.62
N SER B 81 23.55 2.42 32.62
CA SER B 81 22.43 2.72 33.49
C SER B 81 21.30 3.42 32.75
N ASP B 82 20.11 3.39 33.36
CA ASP B 82 18.94 4.00 32.76
C ASP B 82 19.01 5.53 32.79
N ASP B 83 19.84 6.06 33.69
CA ASP B 83 19.99 7.51 33.83
C ASP B 83 21.30 8.05 33.22
N PHE B 84 22.10 7.16 32.63
CA PHE B 84 23.40 7.52 32.07
C PHE B 84 23.33 8.68 31.09
N GLU B 85 24.12 9.72 31.34
CA GLU B 85 24.14 10.91 30.50
C GLU B 85 25.53 11.11 29.91
N PRO B 86 25.83 10.41 28.81
CA PRO B 86 27.15 10.48 28.18
C PRO B 86 27.44 11.88 27.66
N LYS B 87 28.69 12.33 27.78
CA LYS B 87 29.04 13.66 27.30
C LYS B 87 29.45 13.57 25.85
N LEU B 88 28.47 13.38 24.97
CA LEU B 88 28.71 13.02 23.58
C LEU B 88 27.70 13.69 22.66
N PRO B 89 28.12 13.99 21.41
CA PRO B 89 27.16 14.50 20.42
C PRO B 89 26.08 13.47 20.11
N VAL B 90 24.86 13.94 19.84
CA VAL B 90 23.71 13.06 19.69
C VAL B 90 23.42 12.70 18.24
N VAL B 91 23.21 11.42 17.96
CA VAL B 91 22.59 11.00 16.70
C VAL B 91 21.16 10.52 17.00
N VAL B 92 20.19 11.04 16.27
CA VAL B 92 18.82 10.61 16.48
C VAL B 92 18.44 9.58 15.42
N ALA B 93 18.19 8.35 15.87
CA ALA B 93 17.77 7.26 15.01
C ALA B 93 16.26 7.22 14.91
N ASN B 94 15.72 6.82 13.77
CA ASN B 94 14.27 6.72 13.67
C ASN B 94 13.75 5.57 14.54
N LYS B 95 12.44 5.50 14.70
CA LYS B 95 11.78 4.57 15.61
C LYS B 95 12.22 3.12 15.41
N TYR B 96 12.39 2.71 14.16
CA TYR B 96 12.72 1.33 13.85
C TYR B 96 14.20 1.02 14.05
N ALA B 97 15.06 1.93 13.60
CA ALA B 97 16.50 1.76 13.73
C ALA B 97 16.92 1.74 15.20
N ALA B 98 16.27 2.57 16.00
CA ALA B 98 16.59 2.68 17.42
C ALA B 98 16.33 1.35 18.15
N GLU B 99 15.24 0.69 17.79
CA GLU B 99 14.87 -0.56 18.45
C GLU B 99 15.88 -1.66 18.16
N SER B 100 16.43 -1.66 16.95
CA SER B 100 17.42 -2.65 16.56
C SER B 100 18.79 -2.33 17.17
N VAL B 101 19.16 -1.05 17.19
CA VAL B 101 20.37 -0.58 17.87
C VAL B 101 20.30 -0.95 19.35
N TYR B 102 19.11 -0.81 19.91
CA TYR B 102 18.82 -1.21 21.29
C TYR B 102 19.24 -2.66 21.59
N GLN B 103 19.29 -3.49 20.55
CA GLN B 103 19.60 -4.91 20.73
C GLN B 103 20.93 -5.33 20.10
N GLY B 104 21.70 -4.36 19.62
CA GLY B 104 23.05 -4.65 19.17
C GLY B 104 23.34 -4.42 17.70
N ALA B 105 22.30 -4.08 16.94
CA ALA B 105 22.48 -3.77 15.52
C ALA B 105 23.33 -2.51 15.32
N MET B 106 24.04 -2.46 14.20
CA MET B 106 24.69 -1.23 13.76
C MET B 106 23.66 -0.21 13.29
N LEU B 107 24.05 1.06 13.27
CA LEU B 107 23.19 2.11 12.73
C LEU B 107 23.59 2.47 11.31
N TYR B 108 22.66 2.24 10.38
CA TYR B 108 22.92 2.54 8.98
C TYR B 108 22.27 3.87 8.60
N ALA B 109 22.77 4.47 7.53
CA ALA B 109 22.38 5.84 7.17
C ALA B 109 20.86 6.05 7.06
N PRO B 110 20.12 5.14 6.37
CA PRO B 110 18.67 5.33 6.33
C PRO B 110 17.97 5.35 7.69
N GLY B 111 18.63 4.82 8.73
CA GLY B 111 18.04 4.79 10.05
C GLY B 111 18.25 6.06 10.82
N VAL B 112 18.96 7.01 10.21
CA VAL B 112 19.30 8.27 10.87
C VAL B 112 18.23 9.33 10.58
N LEU B 113 17.63 9.84 11.65
CA LEU B 113 16.60 10.87 11.55
C LEU B 113 17.25 12.25 11.46
N LYS B 114 18.15 12.52 12.39
CA LYS B 114 18.92 13.76 12.41
C LYS B 114 20.12 13.59 13.34
N ALA B 115 21.02 14.57 13.35
CA ALA B 115 22.24 14.43 14.13
C ALA B 115 22.86 15.76 14.50
N ASP B 116 23.78 15.71 15.46
CA ASP B 116 24.57 16.86 15.85
C ASP B 116 25.54 17.17 14.70
N LYS B 117 25.64 18.44 14.34
CA LYS B 117 26.41 18.86 13.18
C LYS B 117 27.94 18.82 13.39
N ASN B 118 28.39 18.71 14.64
CA ASN B 118 29.81 18.67 14.91
C ASN B 118 30.42 17.28 14.66
N ILE B 119 29.58 16.33 14.30
CA ILE B 119 30.01 14.94 14.20
C ILE B 119 30.85 14.67 12.97
N LYS B 120 32.05 14.16 13.19
CA LYS B 120 32.94 13.76 12.11
C LYS B 120 33.27 12.29 12.31
N GLU B 121 33.65 11.59 11.23
CA GLU B 121 34.04 10.19 11.33
C GLU B 121 35.10 9.97 12.40
N GLY B 122 34.96 8.89 13.17
CA GLY B 122 35.86 8.62 14.27
C GLY B 122 35.41 9.19 15.60
N ASP B 123 34.44 10.10 15.57
CA ASP B 123 33.88 10.64 16.80
C ASP B 123 33.05 9.60 17.54
N GLU B 124 33.15 9.62 18.86
CA GLU B 124 32.28 8.81 19.70
C GLU B 124 30.94 9.56 19.79
N VAL B 125 29.85 8.84 19.56
CA VAL B 125 28.52 9.45 19.55
C VAL B 125 27.55 8.63 20.38
N GLN B 126 26.49 9.27 20.84
CA GLN B 126 25.41 8.57 21.52
C GLN B 126 24.18 8.51 20.62
N ILE B 127 23.46 7.39 20.66
CA ILE B 127 22.31 7.23 19.78
C ILE B 127 21.02 7.24 20.58
N ARG B 128 20.12 8.17 20.22
CA ARG B 128 18.83 8.24 20.88
C ARG B 128 17.68 8.06 19.88
N ASP B 129 16.56 7.54 20.38
CA ASP B 129 15.36 7.41 19.58
C ASP B 129 14.69 8.79 19.49
N PRO B 130 13.60 8.92 18.69
CA PRO B 130 13.02 10.26 18.55
C PRO B 130 12.46 10.85 19.84
N LYS B 131 12.35 10.07 20.90
CA LYS B 131 11.82 10.58 22.16
C LYS B 131 12.90 10.73 23.24
N GLY B 132 14.16 10.63 22.83
CA GLY B 132 15.28 10.87 23.72
C GLY B 132 15.77 9.66 24.50
N LEU B 133 15.20 8.50 24.22
CA LEU B 133 15.65 7.26 24.86
C LEU B 133 17.05 6.88 24.35
N LEU B 134 17.99 6.75 25.28
CA LEU B 134 19.34 6.35 24.92
C LEU B 134 19.38 4.85 24.64
N VAL B 135 19.69 4.47 23.40
CA VAL B 135 19.62 3.08 22.98
C VAL B 135 20.98 2.49 22.66
N GLY B 136 21.99 3.35 22.55
CA GLY B 136 23.32 2.87 22.22
C GLY B 136 24.38 3.94 22.10
N ILE B 137 25.63 3.51 22.15
CA ILE B 137 26.78 4.38 22.01
C ILE B 137 27.74 3.75 21.02
N GLY B 138 28.43 4.57 20.24
CA GLY B 138 29.31 4.04 19.21
C GLY B 138 30.24 5.07 18.60
N ILE B 139 30.78 4.72 17.44
CA ILE B 139 31.75 5.54 16.74
C ILE B 139 31.20 5.84 15.36
N ALA B 140 31.09 7.12 15.02
CA ALA B 140 30.58 7.51 13.71
C ALA B 140 31.52 7.06 12.58
N ARG B 141 30.95 6.45 11.54
CA ARG B 141 31.73 6.07 10.37
C ARG B 141 31.42 6.99 9.20
N MET B 142 30.61 8.02 9.47
CA MET B 142 30.34 9.08 8.51
C MET B 142 30.41 10.44 9.19
N ASP B 143 30.74 11.48 8.42
CA ASP B 143 30.61 12.85 8.93
C ASP B 143 29.12 13.19 9.00
N TYR B 144 28.78 14.25 9.71
CA TYR B 144 27.39 14.68 9.82
C TYR B 144 26.67 14.77 8.48
N LYS B 145 27.29 15.45 7.52
CA LYS B 145 26.67 15.69 6.22
C LYS B 145 26.33 14.39 5.49
N GLU B 146 27.29 13.48 5.40
CA GLU B 146 27.09 12.21 4.70
C GLU B 146 26.07 11.36 5.45
N MET B 147 26.10 11.46 6.77
CA MET B 147 25.17 10.73 7.61
C MET B 147 23.72 11.11 7.32
N THR B 148 23.46 12.39 7.10
CA THR B 148 22.09 12.88 6.88
C THR B 148 21.68 12.82 5.41
N GLU B 149 22.58 12.41 4.53
CA GLU B 149 22.28 12.40 3.10
C GLU B 149 22.38 11.01 2.46
N ALA B 150 23.32 10.18 2.94
CA ALA B 150 23.52 8.86 2.37
C ALA B 150 22.24 8.04 2.34
N THR B 151 22.09 7.22 1.31
CA THR B 151 20.94 6.33 1.20
C THR B 151 21.29 4.92 1.65
N ARG B 152 22.59 4.68 1.84
CA ARG B 152 23.06 3.39 2.32
C ARG B 152 24.36 3.55 3.09
N GLY B 153 24.82 2.47 3.70
CA GLY B 153 26.11 2.43 4.35
C GLY B 153 26.06 2.50 5.87
N LEU B 154 27.19 2.24 6.50
CA LEU B 154 27.30 2.27 7.96
C LEU B 154 27.50 3.70 8.40
N ALA B 155 26.66 4.16 9.33
CA ALA B 155 26.72 5.54 9.80
C ALA B 155 27.39 5.59 11.16
N VAL B 156 26.96 4.68 12.05
CA VAL B 156 27.57 4.54 13.35
C VAL B 156 27.82 3.07 13.66
N GLU B 157 29.08 2.73 13.91
CA GLU B 157 29.44 1.44 14.46
C GLU B 157 29.07 1.40 15.94
N VAL B 158 28.05 0.62 16.28
CA VAL B 158 27.57 0.56 17.66
C VAL B 158 28.43 -0.39 18.49
N THR B 159 29.30 0.19 19.31
CA THR B 159 30.20 -0.59 20.15
C THR B 159 29.65 -0.78 21.56
N LEU B 160 28.63 0.00 21.91
CA LEU B 160 28.01 -0.16 23.23
C LEU B 160 26.50 -0.03 23.15
N PRO B 161 25.84 -1.07 22.65
CA PRO B 161 24.37 -1.08 22.65
C PRO B 161 23.85 -1.26 24.07
N LYS B 162 22.62 -0.80 24.34
CA LYS B 162 22.04 -0.97 25.66
C LYS B 162 21.97 -2.46 25.99
N PHE B 163 21.54 -3.24 25.00
CA PHE B 163 21.52 -4.68 25.10
C PHE B 163 22.15 -5.32 23.87
N LYS B 164 22.61 -6.56 24.00
CA LYS B 164 23.19 -7.27 22.87
C LYS B 164 22.61 -8.67 22.68
N LEU B 165 21.95 -8.87 21.54
CA LEU B 165 21.55 -10.20 21.09
C LEU B 165 22.32 -10.54 19.82
N PRO B 166 22.57 -11.83 19.59
CA PRO B 166 23.29 -12.21 18.37
C PRO B 166 22.51 -11.85 17.12
N SER B 167 23.21 -11.43 16.08
CA SER B 167 22.59 -11.18 14.80
C SER B 167 22.74 -12.44 13.97
N LEU B 168 21.62 -13.08 13.66
CA LEU B 168 21.64 -14.39 13.05
C LEU B 168 21.29 -14.39 11.58
N SER B 169 20.76 -13.26 11.11
CA SER B 169 20.30 -13.16 9.72
C SER B 169 21.46 -13.27 8.72
N GLU B 170 22.66 -12.85 9.12
CA GLU B 170 23.80 -12.85 8.19
C GLU B 170 24.64 -14.13 8.26
N LEU B 171 24.27 -15.07 9.12
CA LEU B 171 25.01 -16.32 9.22
C LEU B 171 24.75 -17.26 8.04
N LYS B 172 25.77 -18.01 7.64
CA LYS B 172 25.63 -19.04 6.61
C LYS B 172 24.58 -20.06 7.03
N ALA B 173 24.59 -20.41 8.32
CA ALA B 173 23.66 -21.40 8.85
C ALA B 173 22.21 -20.96 8.64
N PHE B 174 21.97 -19.65 8.70
CA PHE B 174 20.63 -19.11 8.45
C PHE B 174 20.27 -19.19 6.98
N GLU B 175 21.22 -18.84 6.12
CA GLU B 175 21.01 -18.86 4.68
C GLU B 175 20.79 -20.28 4.19
N LYS B 176 21.40 -21.25 4.86
CA LYS B 176 21.23 -22.64 4.48
C LYS B 176 19.96 -23.24 5.05
N GLY B 177 19.20 -22.43 5.79
CA GLY B 177 17.91 -22.88 6.30
C GLY B 177 18.02 -23.81 7.48
N TYR B 178 19.12 -23.73 8.22
CA TYR B 178 19.35 -24.64 9.33
C TYR B 178 18.48 -24.29 10.53
N PHE B 179 18.00 -23.05 10.57
CA PHE B 179 17.16 -22.64 11.70
C PHE B 179 16.25 -21.46 11.36
N TYR B 180 15.30 -21.21 12.25
CA TYR B 180 14.35 -20.12 12.11
C TYR B 180 14.17 -19.46 13.47
N PRO B 181 14.51 -18.18 13.57
CA PRO B 181 14.33 -17.49 14.85
C PRO B 181 12.87 -17.48 15.25
N GLN B 182 12.60 -17.89 16.49
CA GLN B 182 11.24 -18.08 16.96
C GLN B 182 11.22 -18.24 18.47
N GLY B 183 10.29 -17.58 19.12
CA GLY B 183 10.20 -17.59 20.57
C GLY B 183 9.78 -18.93 21.15
N LEU B 184 10.13 -19.14 22.42
CA LEU B 184 9.78 -20.35 23.13
C LEU B 184 8.25 -20.57 23.18
N PRO B 185 7.46 -19.57 23.65
CA PRO B 185 6.01 -19.78 23.62
C PRO B 185 5.45 -20.11 22.23
N SER B 186 6.00 -19.50 21.18
CA SER B 186 5.55 -19.77 19.81
C SER B 186 5.81 -21.22 19.40
N MET B 187 6.96 -21.74 19.80
CA MET B 187 7.33 -23.13 19.54
C MET B 187 6.40 -24.09 20.30
N VAL B 188 6.13 -23.76 21.55
CA VAL B 188 5.16 -24.50 22.36
C VAL B 188 3.80 -24.56 21.69
N THR B 189 3.41 -23.46 21.06
CA THR B 189 2.12 -23.36 20.39
C THR B 189 1.95 -24.46 19.34
N ALA B 190 2.95 -24.61 18.47
CA ALA B 190 2.93 -25.61 17.41
C ALA B 190 2.96 -27.05 17.96
N ARG B 191 3.75 -27.31 19.01
CA ARG B 191 3.78 -28.64 19.62
C ARG B 191 2.42 -29.04 20.18
N VAL B 192 1.84 -28.12 20.95
CA VAL B 192 0.55 -28.34 21.60
C VAL B 192 -0.59 -28.63 20.61
N LEU B 193 -0.42 -28.24 19.36
CA LEU B 193 -1.38 -28.57 18.32
C LEU B 193 -1.37 -30.06 18.01
N GLU B 194 -0.21 -30.68 18.23
CA GLU B 194 0.02 -32.11 17.94
C GLU B 194 -0.43 -32.48 16.52
N PRO B 195 0.15 -31.83 15.51
CA PRO B 195 -0.27 -32.13 14.13
C PRO B 195 0.12 -33.54 13.70
N LYS B 196 -0.79 -34.23 13.02
CA LYS B 196 -0.52 -35.55 12.48
C LYS B 196 -0.54 -35.52 10.95
N GLU B 197 0.24 -36.40 10.34
CA GLU B 197 0.33 -36.50 8.88
C GLU B 197 -1.05 -36.66 8.22
N ASP B 198 -1.98 -37.27 8.94
CA ASP B 198 -3.33 -37.51 8.45
C ASP B 198 -4.22 -36.26 8.52
N ASP B 199 -3.97 -35.42 9.52
CA ASP B 199 -4.83 -34.28 9.79
C ASP B 199 -4.97 -33.30 8.63
N VAL B 200 -6.19 -32.83 8.39
CA VAL B 200 -6.37 -31.63 7.59
C VAL B 200 -6.08 -30.42 8.49
N ILE B 201 -5.13 -29.61 8.07
CA ILE B 201 -4.55 -28.59 8.94
C ILE B 201 -4.59 -27.21 8.32
N ILE B 202 -5.04 -26.23 9.09
CA ILE B 202 -5.16 -24.86 8.62
C ILE B 202 -4.50 -23.89 9.59
N ASP B 203 -3.54 -23.14 9.06
CA ASP B 203 -2.94 -22.00 9.73
C ASP B 203 -3.54 -20.75 9.11
N MET B 204 -4.51 -20.13 9.78
CA MET B 204 -5.32 -19.12 9.10
C MET B 204 -4.81 -17.69 9.25
N ALA B 205 -3.69 -17.52 9.95
CA ALA B 205 -2.99 -16.23 9.98
C ALA B 205 -1.50 -16.54 10.05
N ALA B 206 -0.95 -17.00 8.93
CA ALA B 206 0.28 -17.77 8.95
C ALA B 206 1.57 -17.01 8.68
N ALA B 207 1.50 -15.87 8.00
CA ALA B 207 2.73 -15.22 7.57
C ALA B 207 3.40 -14.47 8.72
N PRO B 208 4.74 -14.45 8.75
CA PRO B 208 5.72 -14.96 7.78
C PRO B 208 6.04 -16.46 7.85
N GLY B 209 5.29 -17.24 8.62
CA GLY B 209 5.39 -18.69 8.54
C GLY B 209 6.21 -19.38 9.62
N GLY B 210 6.41 -18.69 10.74
CA GLY B 210 7.11 -19.24 11.88
C GLY B 210 6.51 -20.53 12.39
N LYS B 211 5.23 -20.49 12.75
CA LYS B 211 4.56 -21.66 13.30
C LYS B 211 4.22 -22.66 12.22
N THR B 212 3.98 -22.14 11.01
CA THR B 212 3.59 -22.98 9.88
C THR B 212 4.71 -23.94 9.50
N THR B 213 5.92 -23.41 9.36
CA THR B 213 7.07 -24.22 9.01
C THR B 213 7.47 -25.11 10.18
N HIS B 214 7.16 -24.70 11.40
CA HIS B 214 7.39 -25.56 12.56
C HIS B 214 6.48 -26.80 12.47
N ILE B 215 5.21 -26.60 12.12
CA ILE B 215 4.31 -27.72 11.91
C ILE B 215 4.89 -28.64 10.83
N ALA B 216 5.40 -28.02 9.78
CA ALA B 216 5.98 -28.73 8.63
C ALA B 216 7.07 -29.72 9.02
N GLN B 217 7.99 -29.31 9.88
CA GLN B 217 9.08 -30.18 10.30
C GLN B 217 8.60 -31.22 11.30
N LEU B 218 7.58 -30.87 12.08
CA LEU B 218 6.95 -31.84 12.97
C LEU B 218 6.26 -32.93 12.16
N LEU B 219 5.74 -32.53 11.00
CA LEU B 219 5.16 -33.49 10.05
C LEU B 219 6.23 -34.16 9.20
N GLU B 220 7.46 -33.67 9.32
CA GLU B 220 8.60 -34.18 8.54
C GLU B 220 8.31 -34.06 7.05
N ASN B 221 7.74 -32.93 6.65
CA ASN B 221 7.42 -32.63 5.26
C ASN B 221 6.40 -33.59 4.65
N LYS B 222 5.66 -34.31 5.50
CA LYS B 222 4.56 -35.16 5.04
C LYS B 222 3.23 -34.44 5.21
N GLY B 223 2.16 -35.02 4.68
CA GLY B 223 0.85 -34.43 4.79
C GLY B 223 0.74 -33.15 3.99
N GLU B 224 -0.17 -32.27 4.42
CA GLU B 224 -0.35 -30.98 3.77
C GLU B 224 -0.80 -29.93 4.79
N ILE B 225 -0.24 -28.73 4.67
CA ILE B 225 -0.65 -27.61 5.52
C ILE B 225 -1.19 -26.45 4.70
N ILE B 226 -2.41 -26.04 5.00
CA ILE B 226 -2.99 -24.89 4.35
C ILE B 226 -2.67 -23.66 5.19
N ALA B 227 -1.97 -22.72 4.60
CA ALA B 227 -1.52 -21.53 5.31
C ALA B 227 -2.11 -20.28 4.68
N ILE B 228 -2.88 -19.56 5.47
CA ILE B 228 -3.66 -18.41 5.00
C ILE B 228 -3.07 -17.11 5.50
N ASP B 229 -3.02 -16.10 4.63
CA ASP B 229 -2.74 -14.73 5.06
C ASP B 229 -3.39 -13.73 4.12
N LYS B 230 -3.78 -12.59 4.67
CA LYS B 230 -4.46 -11.58 3.87
C LYS B 230 -3.44 -10.75 3.09
N SER B 231 -2.27 -10.58 3.67
CA SER B 231 -1.21 -9.75 3.08
C SER B 231 -0.39 -10.49 2.03
N LYS B 232 -0.29 -9.90 0.84
CA LYS B 232 0.49 -10.49 -0.25
C LYS B 232 1.99 -10.37 -0.02
N ASN B 233 2.43 -9.26 0.58
CA ASN B 233 3.85 -9.09 0.87
C ASN B 233 4.34 -10.07 1.91
N ARG B 234 3.56 -10.19 2.97
CA ARG B 234 3.88 -11.10 4.05
C ARG B 234 3.84 -12.55 3.58
N LEU B 235 2.92 -12.87 2.67
CA LEU B 235 2.94 -14.17 2.01
C LEU B 235 4.15 -14.34 1.10
N ARG B 236 4.56 -13.25 0.48
CA ARG B 236 5.73 -13.27 -0.38
C ARG B 236 6.97 -13.59 0.45
N LYS B 237 7.06 -13.00 1.65
CA LYS B 237 8.15 -13.26 2.57
C LYS B 237 8.11 -14.71 3.06
N MET B 238 6.91 -15.22 3.23
CA MET B 238 6.71 -16.59 3.66
C MET B 238 7.16 -17.59 2.61
N GLU B 239 6.92 -17.26 1.34
CA GLU B 239 7.37 -18.09 0.22
C GLU B 239 8.88 -18.28 0.28
N GLU B 240 9.58 -17.19 0.58
CA GLU B 240 11.03 -17.21 0.70
C GLU B 240 11.49 -18.05 1.89
N ASN B 241 10.81 -17.90 3.02
CA ASN B 241 11.11 -18.68 4.21
C ASN B 241 10.93 -20.17 3.98
N ILE B 242 9.86 -20.51 3.26
CA ILE B 242 9.55 -21.89 2.95
C ILE B 242 10.66 -22.52 2.11
N LYS B 243 11.09 -21.79 1.08
CA LYS B 243 12.13 -22.28 0.16
C LYS B 243 13.46 -22.43 0.89
N ARG B 244 13.80 -21.46 1.74
CA ARG B 244 15.04 -21.49 2.50
C ARG B 244 15.10 -22.65 3.48
N LEU B 245 13.99 -22.91 4.14
CA LEU B 245 13.89 -23.98 5.13
C LEU B 245 13.71 -25.35 4.50
N GLY B 246 13.47 -25.39 3.20
CA GLY B 246 13.27 -26.66 2.51
C GLY B 246 11.91 -27.28 2.80
N VAL B 247 10.93 -26.44 3.06
CA VAL B 247 9.58 -26.92 3.36
C VAL B 247 8.82 -27.22 2.07
N LYS B 248 8.36 -28.44 1.93
CA LYS B 248 7.60 -28.88 0.76
C LYS B 248 6.19 -29.27 1.15
N ASN B 249 5.77 -28.80 2.32
CA ASN B 249 4.62 -29.32 3.00
C ASN B 249 3.40 -28.40 2.93
N VAL B 250 3.60 -27.19 2.39
CA VAL B 250 2.66 -26.10 2.61
C VAL B 250 2.01 -25.55 1.34
N LYS B 251 0.70 -25.35 1.40
CA LYS B 251 -0.07 -24.71 0.35
C LYS B 251 -0.52 -23.31 0.81
N LEU B 252 0.00 -22.28 0.15
CA LEU B 252 -0.37 -20.90 0.44
C LEU B 252 -1.66 -20.45 -0.24
N VAL B 253 -2.55 -19.82 0.53
CA VAL B 253 -3.73 -19.20 -0.04
C VAL B 253 -3.89 -17.79 0.54
N GLN B 254 -4.02 -16.82 -0.34
CA GLN B 254 -4.31 -15.45 0.05
C GLN B 254 -5.81 -15.22 0.16
N MET B 255 -6.25 -14.66 1.28
CA MET B 255 -7.67 -14.42 1.54
C MET B 255 -7.88 -13.85 2.94
N ASP B 256 -9.03 -13.21 3.14
CA ASP B 256 -9.49 -12.80 4.46
C ASP B 256 -9.96 -14.06 5.19
N ALA B 257 -9.23 -14.45 6.22
CA ALA B 257 -9.50 -15.71 6.92
C ALA B 257 -10.85 -15.72 7.62
N ARG B 258 -11.45 -14.55 7.80
CA ARG B 258 -12.76 -14.46 8.41
C ARG B 258 -13.83 -15.03 7.50
N LYS B 259 -13.50 -15.20 6.22
CA LYS B 259 -14.37 -15.87 5.27
C LYS B 259 -13.98 -17.32 5.00
N LEU B 260 -13.17 -17.90 5.88
CA LEU B 260 -12.74 -19.30 5.73
C LEU B 260 -13.89 -20.28 5.38
N PRO B 261 -15.05 -20.19 6.07
CA PRO B 261 -16.13 -21.14 5.73
C PRO B 261 -16.62 -21.06 4.27
N ASP B 262 -16.17 -20.07 3.50
CA ASP B 262 -16.46 -20.03 2.08
C ASP B 262 -15.80 -21.20 1.35
N LEU B 263 -14.64 -21.63 1.82
CA LEU B 263 -14.11 -22.93 1.39
C LEU B 263 -15.05 -23.98 1.98
N GLY B 264 -14.93 -25.23 1.61
CA GLY B 264 -15.85 -26.19 2.17
C GLY B 264 -15.16 -27.10 3.16
N ILE B 265 -14.03 -26.64 3.68
CA ILE B 265 -13.14 -27.51 4.40
C ILE B 265 -13.54 -27.65 5.84
N LYS B 266 -13.52 -28.90 6.29
CA LYS B 266 -13.72 -29.24 7.68
C LYS B 266 -12.37 -29.77 8.16
N ALA B 267 -11.62 -28.93 8.86
CA ALA B 267 -10.27 -29.25 9.29
C ALA B 267 -10.29 -30.10 10.56
N ASP B 268 -9.23 -30.88 10.75
CA ASP B 268 -9.02 -31.62 11.99
C ASP B 268 -8.28 -30.79 13.02
N LYS B 269 -7.41 -29.94 12.52
CA LYS B 269 -6.56 -29.12 13.37
C LYS B 269 -6.50 -27.73 12.78
N ILE B 270 -6.81 -26.73 13.60
CA ILE B 270 -6.67 -25.34 13.16
C ILE B 270 -5.81 -24.55 14.12
N LEU B 271 -4.78 -23.92 13.59
CA LEU B 271 -3.98 -22.98 14.36
C LEU B 271 -4.44 -21.55 14.04
N LEU B 272 -4.86 -20.82 15.07
CA LEU B 272 -5.22 -19.42 14.92
C LEU B 272 -4.31 -18.55 15.80
N ASP B 273 -3.20 -18.14 15.21
CA ASP B 273 -2.29 -17.22 15.88
C ASP B 273 -2.72 -15.81 15.50
N ALA B 274 -3.69 -15.30 16.24
CA ALA B 274 -4.51 -14.20 15.78
C ALA B 274 -3.79 -12.87 15.91
N PRO B 275 -4.01 -11.97 14.94
CA PRO B 275 -3.58 -10.59 15.07
C PRO B 275 -4.12 -10.02 16.38
N CYS B 276 -3.28 -9.28 17.08
CA CYS B 276 -3.62 -8.86 18.43
C CYS B 276 -2.95 -7.53 18.72
N THR B 277 -3.29 -6.94 19.87
CA THR B 277 -2.72 -5.66 20.25
C THR B 277 -1.19 -5.75 20.50
N ALA B 278 -0.68 -6.98 20.57
CA ALA B 278 0.75 -7.24 20.69
C ALA B 278 1.37 -6.60 21.94
N LEU B 279 0.59 -6.53 23.02
CA LEU B 279 1.07 -5.92 24.26
C LEU B 279 2.26 -6.66 24.87
N GLY B 280 2.46 -7.90 24.44
CA GLY B 280 3.47 -8.76 25.05
C GLY B 280 4.82 -8.76 24.34
N VAL B 281 4.95 -8.07 23.22
CA VAL B 281 6.19 -8.14 22.45
C VAL B 281 7.34 -7.37 23.10
N ARG B 282 8.55 -7.87 22.89
CA ARG B 282 9.74 -7.27 23.48
C ARG B 282 10.83 -7.06 22.42
N PRO B 283 11.62 -5.98 22.55
CA PRO B 283 11.48 -4.95 23.57
C PRO B 283 10.36 -3.96 23.25
N LYS B 284 9.79 -3.37 24.30
CA LYS B 284 8.72 -2.38 24.15
C LYS B 284 9.24 -1.00 24.54
N LEU B 285 9.82 -0.29 23.59
CA LEU B 285 10.36 1.04 23.88
C LEU B 285 9.25 2.00 24.26
N TRP B 286 8.21 2.06 23.45
CA TRP B 286 7.04 2.87 23.75
C TRP B 286 5.79 2.13 23.31
N GLU B 287 4.87 1.93 24.26
CA GLU B 287 3.59 1.31 23.94
C GLU B 287 2.63 2.35 23.38
N GLU B 288 2.15 2.11 22.15
CA GLU B 288 1.27 3.05 21.50
C GLU B 288 -0.18 2.62 21.63
N ARG B 289 -0.40 1.30 21.67
CA ARG B 289 -1.74 0.75 21.74
C ARG B 289 -2.27 0.82 23.17
N THR B 290 -3.58 1.00 23.29
CA THR B 290 -4.23 1.16 24.58
C THR B 290 -5.64 0.54 24.61
N LEU B 291 -6.46 0.93 25.59
CA LEU B 291 -7.70 0.20 25.88
C LEU B 291 -8.69 0.13 24.72
N LYS B 292 -8.87 1.24 24.00
CA LYS B 292 -9.76 1.23 22.84
C LYS B 292 -9.30 0.19 21.83
N HIS B 293 -7.99 -0.03 21.76
CA HIS B 293 -7.40 -1.00 20.86
C HIS B 293 -7.68 -2.44 21.32
N ILE B 294 -7.70 -2.65 22.63
CA ILE B 294 -7.97 -3.97 23.19
C ILE B 294 -9.39 -4.42 22.86
N GLU B 295 -10.36 -3.53 23.10
CA GLU B 295 -11.76 -3.86 22.82
C GLU B 295 -12.00 -4.11 21.34
N ALA B 296 -11.53 -3.21 20.49
CA ALA B 296 -11.71 -3.34 19.06
C ALA B 296 -11.08 -4.60 18.51
N THR B 297 -9.84 -4.87 18.91
CA THR B 297 -9.11 -6.03 18.41
C THR B 297 -9.75 -7.31 18.93
N ALA B 298 -10.18 -7.32 20.19
CA ALA B 298 -10.84 -8.48 20.76
C ALA B 298 -12.09 -8.81 19.95
N ARG B 299 -12.84 -7.79 19.57
CA ARG B 299 -14.04 -7.97 18.75
C ARG B 299 -13.68 -8.45 17.36
N TYR B 300 -12.53 -8.02 16.87
CA TYR B 300 -12.07 -8.37 15.53
C TYR B 300 -11.63 -9.83 15.47
N GLN B 301 -11.11 -10.34 16.57
CA GLN B 301 -10.61 -11.72 16.65
C GLN B 301 -11.74 -12.75 16.67
N ARG B 302 -12.88 -12.37 17.24
CA ARG B 302 -14.06 -13.24 17.31
C ARG B 302 -14.48 -13.72 15.92
N ALA B 303 -14.40 -12.81 14.95
CA ALA B 303 -14.71 -13.13 13.56
C ALA B 303 -13.83 -14.28 13.06
N PHE B 304 -12.53 -14.21 13.37
CA PHE B 304 -11.61 -15.31 13.06
C PHE B 304 -12.01 -16.58 13.78
N ILE B 305 -12.24 -16.43 15.08
CA ILE B 305 -12.60 -17.55 15.94
C ILE B 305 -13.83 -18.28 15.43
N TRP B 306 -14.90 -17.53 15.20
CA TRP B 306 -16.16 -18.08 14.69
C TRP B 306 -15.92 -18.78 13.36
N ALA B 307 -15.14 -18.13 12.50
CA ALA B 307 -14.79 -18.71 11.20
C ALA B 307 -14.11 -20.08 11.37
N ALA B 308 -13.22 -20.17 12.35
CA ALA B 308 -12.50 -21.42 12.61
C ALA B 308 -13.43 -22.52 13.16
N ILE B 309 -14.24 -22.15 14.15
CA ILE B 309 -15.18 -23.09 14.79
C ILE B 309 -16.11 -23.75 13.76
N LYS B 310 -16.65 -22.94 12.86
CA LYS B 310 -17.51 -23.45 11.79
C LYS B 310 -16.75 -24.31 10.79
N SER B 311 -15.45 -24.06 10.63
CA SER B 311 -14.61 -24.82 9.71
C SER B 311 -13.97 -26.06 10.34
N LEU B 312 -14.24 -26.30 11.62
CA LEU B 312 -13.74 -27.47 12.32
C LEU B 312 -14.71 -28.65 12.27
N ARG B 313 -14.16 -29.85 12.07
CA ARG B 313 -14.93 -31.08 12.25
C ARG B 313 -15.25 -31.20 13.73
N ARG B 314 -16.36 -31.87 14.04
CA ARG B 314 -16.60 -32.26 15.42
C ARG B 314 -15.45 -33.15 15.86
N GLY B 315 -15.01 -32.98 17.11
CA GLY B 315 -13.80 -33.65 17.57
C GLY B 315 -12.53 -32.99 17.08
N GLY B 316 -12.67 -31.93 16.30
CA GLY B 316 -11.52 -31.20 15.79
C GLY B 316 -10.91 -30.31 16.84
N VAL B 317 -9.69 -29.87 16.59
CA VAL B 317 -8.92 -29.11 17.57
C VAL B 317 -8.53 -27.74 17.04
N LEU B 318 -8.74 -26.73 17.87
CA LEU B 318 -8.28 -25.38 17.62
C LEU B 318 -7.25 -24.97 18.66
N VAL B 319 -6.13 -24.43 18.21
CA VAL B 319 -5.16 -23.82 19.11
C VAL B 319 -5.20 -22.32 18.86
N TYR B 320 -5.55 -21.56 19.90
CA TYR B 320 -5.61 -20.11 19.80
C TYR B 320 -4.43 -19.46 20.52
N SER B 321 -3.70 -18.57 19.85
CA SER B 321 -2.55 -17.91 20.48
C SER B 321 -2.45 -16.42 20.10
N THR B 322 -1.96 -15.64 21.04
CA THR B 322 -1.65 -14.23 20.84
C THR B 322 -0.34 -13.87 21.54
N CYS B 323 0.27 -12.78 21.12
CA CYS B 323 1.38 -12.18 21.85
C CYS B 323 0.94 -10.95 22.65
N THR B 324 -0.21 -11.06 23.29
CA THR B 324 -0.74 -9.94 24.04
C THR B 324 -1.13 -10.38 25.45
N LEU B 325 -1.20 -9.40 26.34
CA LEU B 325 -1.46 -9.65 27.75
C LEU B 325 -2.92 -9.45 28.16
N SER B 326 -3.70 -8.78 27.32
CA SER B 326 -5.05 -8.35 27.71
C SER B 326 -5.95 -9.53 28.04
N TYR B 327 -6.90 -9.30 28.95
CA TYR B 327 -7.89 -10.31 29.29
C TYR B 327 -8.85 -10.56 28.14
N GLU B 328 -9.38 -9.47 27.58
CA GLU B 328 -10.43 -9.54 26.57
C GLU B 328 -10.04 -10.34 25.32
N GLU B 329 -8.81 -10.17 24.87
CA GLU B 329 -8.33 -10.89 23.69
C GLU B 329 -7.95 -12.35 24.00
N ASN B 330 -7.84 -12.68 25.28
CA ASN B 330 -7.36 -14.02 25.63
C ASN B 330 -8.45 -14.84 26.32
N GLU B 331 -8.46 -14.84 27.66
CA GLU B 331 -9.43 -15.61 28.42
C GLU B 331 -10.86 -15.22 28.06
N GLY B 332 -11.06 -13.94 27.77
CA GLY B 332 -12.37 -13.42 27.42
C GLY B 332 -12.89 -13.96 26.11
N ASN B 333 -12.01 -14.07 25.12
CA ASN B 333 -12.40 -14.61 23.83
C ASN B 333 -12.49 -16.15 23.86
N VAL B 334 -11.90 -16.78 24.85
CA VAL B 334 -12.06 -18.22 24.98
C VAL B 334 -13.42 -18.57 25.58
N LYS B 335 -13.88 -17.77 26.54
CA LYS B 335 -15.24 -17.91 27.07
C LYS B 335 -16.25 -17.86 25.92
N PHE B 336 -16.03 -16.92 25.01
CA PHE B 336 -16.76 -16.88 23.75
C PHE B 336 -16.80 -18.25 23.05
N MET B 337 -15.64 -18.88 22.91
CA MET B 337 -15.54 -20.18 22.26
C MET B 337 -16.25 -21.29 23.03
N ILE B 338 -16.18 -21.23 24.36
CA ILE B 338 -16.85 -22.22 25.20
C ILE B 338 -18.36 -22.13 25.01
N ARG B 339 -18.87 -20.91 24.79
CA ARG B 339 -20.30 -20.73 24.53
C ARG B 339 -20.68 -21.20 23.13
N LYS B 340 -19.69 -21.38 22.26
CA LYS B 340 -19.96 -21.79 20.89
C LYS B 340 -19.61 -23.25 20.59
N GLY B 341 -19.63 -24.09 21.63
CA GLY B 341 -19.46 -25.52 21.44
C GLY B 341 -18.04 -26.05 21.48
N MET B 342 -17.13 -25.30 22.07
CA MET B 342 -15.76 -25.76 22.21
C MET B 342 -15.45 -26.13 23.66
N LYS B 343 -14.55 -27.10 23.85
CA LYS B 343 -14.19 -27.56 25.19
C LYS B 343 -12.69 -27.42 25.42
N LEU B 344 -12.33 -26.88 26.58
CA LEU B 344 -10.92 -26.75 26.96
C LEU B 344 -10.27 -28.11 27.14
N GLU B 345 -9.04 -28.23 26.65
CA GLU B 345 -8.29 -29.47 26.79
C GLU B 345 -6.89 -29.18 27.33
N GLU B 346 -6.39 -30.09 28.16
CA GLU B 346 -5.02 -30.05 28.68
C GLU B 346 -4.04 -29.95 27.51
N GLN B 347 -3.07 -29.06 27.61
CA GLN B 347 -2.03 -28.95 26.58
C GLN B 347 -0.88 -29.89 26.88
N SER B 348 -0.25 -30.43 25.83
CA SER B 348 0.75 -31.48 26.00
C SER B 348 2.00 -30.94 26.68
N ILE B 349 2.32 -29.68 26.43
CA ILE B 349 3.45 -29.04 27.09
C ILE B 349 2.96 -27.81 27.88
N PHE B 350 3.19 -27.83 29.18
CA PHE B 350 2.82 -26.70 30.03
C PHE B 350 4.02 -26.28 30.90
N ILE B 351 4.68 -25.19 30.49
CA ILE B 351 5.80 -24.64 31.25
C ILE B 351 5.60 -23.16 31.58
N GLY B 352 4.47 -22.60 31.16
CA GLY B 352 4.14 -21.21 31.48
C GLY B 352 3.33 -21.10 32.76
N SER B 353 2.40 -20.14 32.80
CA SER B 353 1.53 -19.96 33.96
C SER B 353 0.07 -20.28 33.65
N PRO B 354 -0.74 -20.53 34.71
CA PRO B 354 -2.18 -20.67 34.49
C PRO B 354 -2.78 -19.37 33.99
N GLY B 355 -3.94 -19.43 33.36
CA GLY B 355 -4.62 -18.23 32.89
C GLY B 355 -5.30 -17.48 34.02
N ILE B 356 -5.85 -16.31 33.69
CA ILE B 356 -6.57 -15.51 34.67
C ILE B 356 -7.92 -16.11 34.98
N GLY B 357 -8.03 -16.74 36.14
CA GLY B 357 -9.28 -17.35 36.57
C GLY B 357 -9.70 -18.43 35.59
N MET B 358 -8.73 -19.16 35.07
CA MET B 358 -9.01 -20.12 34.02
C MET B 358 -7.90 -21.15 33.92
N ASN B 359 -8.28 -22.42 33.88
CA ASN B 359 -7.38 -23.48 34.33
C ASN B 359 -6.45 -24.10 33.31
N LYS B 360 -6.94 -24.37 32.10
CA LYS B 360 -6.14 -25.17 31.17
C LYS B 360 -5.43 -24.34 30.10
N VAL B 361 -5.66 -23.03 30.07
CA VAL B 361 -4.94 -22.17 29.13
C VAL B 361 -3.58 -21.79 29.68
N GLN B 362 -2.68 -21.40 28.78
CA GLN B 362 -1.30 -21.17 29.19
C GLN B 362 -0.84 -19.75 28.89
N ARG B 363 -0.39 -19.05 29.93
CA ARG B 363 0.15 -17.71 29.75
C ARG B 363 1.65 -17.68 29.97
N PHE B 364 2.32 -16.83 29.22
CA PHE B 364 3.73 -16.57 29.45
C PHE B 364 3.93 -15.12 29.83
N TYR B 365 4.80 -14.90 30.82
CA TYR B 365 5.10 -13.56 31.30
C TYR B 365 6.60 -13.30 31.18
N PRO B 366 6.98 -12.07 30.84
CA PRO B 366 8.41 -11.75 30.68
C PRO B 366 9.21 -11.84 31.99
N HIS B 367 8.60 -11.51 33.14
CA HIS B 367 9.34 -11.54 34.40
C HIS B 367 9.44 -12.95 34.98
N LYS B 368 8.51 -13.82 34.64
CA LYS B 368 8.53 -15.19 35.17
C LYS B 368 9.25 -16.16 34.25
N HIS B 369 9.09 -15.98 32.93
CA HIS B 369 9.55 -16.98 31.98
C HIS B 369 10.60 -16.48 31.00
N LEU B 370 10.96 -15.21 31.10
CA LEU B 370 12.04 -14.63 30.29
C LEU B 370 11.66 -14.54 28.83
N THR B 371 10.36 -14.55 28.56
CA THR B 371 9.86 -14.58 27.20
C THR B 371 9.06 -13.32 26.92
N GLN B 372 8.52 -13.22 25.71
CA GLN B 372 7.49 -12.23 25.45
C GLN B 372 6.23 -12.61 26.21
N GLY B 373 5.35 -11.65 26.46
CA GLY B 373 4.03 -11.96 26.98
C GLY B 373 3.28 -12.77 25.93
N PHE B 374 2.60 -13.84 26.36
CA PHE B 374 2.01 -14.77 25.41
C PHE B 374 0.81 -15.49 26.00
N PHE B 375 0.00 -16.07 25.14
CA PHE B 375 -1.21 -16.74 25.56
C PHE B 375 -1.49 -17.89 24.60
N ILE B 376 -1.84 -19.04 25.15
CA ILE B 376 -2.11 -20.23 24.34
C ILE B 376 -3.34 -20.97 24.86
N ALA B 377 -4.32 -21.15 23.99
CA ALA B 377 -5.50 -21.94 24.35
C ALA B 377 -5.71 -23.04 23.34
N LYS B 378 -5.98 -24.24 23.85
CA LYS B 378 -6.27 -25.40 23.02
C LYS B 378 -7.68 -25.93 23.28
N LEU B 379 -8.50 -26.00 22.24
CA LEU B 379 -9.90 -26.41 22.41
C LEU B 379 -10.30 -27.55 21.49
N ARG B 380 -11.26 -28.33 21.97
CA ARG B 380 -11.83 -29.45 21.24
C ARG B 380 -13.29 -29.17 20.91
N LYS B 381 -13.66 -29.31 19.64
CA LYS B 381 -15.02 -29.00 19.22
C LYS B 381 -15.94 -30.19 19.50
N VAL B 382 -16.73 -30.08 20.57
CA VAL B 382 -17.59 -31.18 21.01
C VAL B 382 -18.93 -31.23 20.26
N LYS B 383 -19.39 -30.08 19.77
CA LYS B 383 -20.64 -30.05 19.00
C LYS B 383 -20.75 -28.76 18.18
N ASP B 384 -21.73 -28.73 17.27
CA ASP B 384 -21.92 -27.59 16.38
C ASP B 384 -22.81 -26.53 17.01
N SFG C . -0.91 13.56 -12.67
CA SFG C . -1.95 14.00 -11.83
C SFG C . -2.84 12.83 -11.47
O SFG C . -3.95 13.00 -10.93
OXT SFG C . -2.47 11.66 -11.73
CB SFG C . -2.72 15.15 -12.53
CG SFG C . -1.74 16.33 -12.89
CD SFG C . -2.53 17.62 -13.15
NE SFG C . -3.25 17.49 -14.31
C5' SFG C . -1.60 18.83 -13.23
C4' SFG C . -1.17 19.26 -11.81
O4' SFG C . -0.08 20.01 -11.84
C3' SFG C . -2.23 20.12 -11.15
O3' SFG C . -2.63 19.54 -10.02
C2' SFG C . -1.51 21.48 -10.83
O2' SFG C . -2.03 22.03 -9.53
C1' SFG C . -0.28 21.13 -10.70
N9 SFG C . 0.62 22.23 -10.95
C8 SFG C . 0.52 23.16 -11.91
N7 SFG C . 1.58 24.01 -11.79
C5 SFG C . 2.33 23.59 -10.75
C6 SFG C . 3.50 24.08 -10.19
N6 SFG C . 4.32 25.21 -10.56
N1 SFG C . 4.06 23.45 -9.14
C2 SFG C . 3.45 22.33 -8.60
N3 SFG C . 2.30 21.85 -9.15
C4 SFG C . 1.74 22.49 -10.23
N SFG D . 1.80 -16.88 13.14
CA SFG D . 2.67 -16.16 12.28
C SFG D . 4.06 -16.75 12.38
O SFG D . 5.02 -16.31 11.70
OXT SFG D . 4.26 -17.73 13.13
CB SFG D . 2.60 -14.65 12.63
CG SFG D . 1.13 -14.11 12.54
CD SFG D . 1.09 -12.60 12.27
NE SFG D . 1.68 -11.92 13.31
C5' SFG D . -0.36 -12.10 12.10
C4' SFG D . -0.83 -12.31 10.66
O4' SFG D . -2.14 -12.17 10.56
C3' SFG D . -0.27 -11.25 9.72
O3' SFG D . 0.55 -11.85 8.83
C2' SFG D . -1.50 -10.67 8.96
O2' SFG D . -1.11 -10.47 7.53
C1' SFG D . -2.38 -11.60 9.06
N9 SFG D . -3.73 -11.11 9.01
C8 SFG D . -4.23 -9.97 9.52
N7 SFG D . -5.56 -9.93 9.25
C5 SFG D . -5.88 -11.05 8.56
C6 SFG D . -7.08 -11.50 8.02
N6 SFG D . -8.40 -10.92 8.05
N1 SFG D . -7.12 -12.68 7.37
C2 SFG D . -5.98 -13.42 7.22
N3 SFG D . -4.79 -12.98 7.73
C4 SFG D . -4.76 -11.78 8.40
#